data_6S8M
#
_entry.id   6S8M
#
_cell.length_a   1.00
_cell.length_b   1.00
_cell.length_c   1.00
_cell.angle_alpha   90.00
_cell.angle_beta   90.00
_cell.angle_gamma   90.00
#
_symmetry.space_group_name_H-M   'P 1'
#
loop_
_entity.id
_entity.type
_entity.pdbx_description
1 polymer 'Kinesin-like protein cut7'
2 polymer 'Tubulin beta chain'
3 polymer 'Tubulin alpha-1 chain'
4 non-polymer 'MAGNESIUM ION'
5 non-polymer 'PHOSPHOAMINOPHOSPHONIC ACID-ADENYLATE ESTER'
6 non-polymer "GUANOSINE-5'-DIPHOSPHATE"
7 non-polymer 7,11-DIHYDROXY-8,8,10,12,16-PENTAMETHYL-3-[1-METHYL-2-(2-METHYL-THIAZOL-4-YL)VINYL]-4,17-DIOXABICYCLO[14.1.0]HEPTADECANE-5,9-DIONE
8 non-polymer "GUANOSINE-5'-TRIPHOSPHATE"
#
loop_
_entity_poly.entity_id
_entity_poly.type
_entity_poly.pdbx_seq_one_letter_code
_entity_poly.pdbx_strand_id
1 'polypeptide(L)'
;GIDPFTMAPRVAPGGSQQFLGKQGLKAKNPVSTPNSHFRSASNPRKRREPPTIDTGYPDRSDTNSPTDHALHDENETNIN
VVVRVRGRTDQEVRDNSSLAVSTSGAMGAELAIQSDPSSMLVTKTYAFDKVFGPEADQLMLFENSVAPMLEQVLNGYNCT
IFAYGQTGTGKTYTMSGDLSDSDGILSEGAGLIPRALYQLFSSLDNSNQEYAVKCSYYELYNEEIRDLLVSEELRKPARV
FEDTSRRGNVVITGIEESYIKNAGDGLRLLREGSHRRQVAATKCNDLSSRSHSIFTITLHRKVSSGMTDETNSLTINNNS
DDLLRASKLHMVDLAGSENIGRSGAENKRARETGMINQSLLTLGRVINALVEKAHHIPYRESKLTRLLQDSLGGKTKTSM
IVTVSSTNTNLEETISTLEYAARAKSIRNKPQNNQLVF
;
K
2 'polypeptide(L)'
;MREIVHIQAGQCGNQVGAAFWSTIADEHGLDSAGIYHGTSEAQHERLNVYFNEAAGGKYVPRAVLVDLEPGTMDAVKSGK
FGNLFRPDNIIYGQSGAGNIWAKGHYTEGAELADAVLDVVRREAEACDALQGFQLTHSLGGGTGSGMGTLLLSKIREEYP
DRMMATFSVAPAPKSSDTVVEPYNATLSMHQLVENSDETFCIDNEALSSIFANTLKIKSPSYDDLNHLVSAVMAGVTTSF
RFPGELNSDLRKLAVNMVPFPRLHFFMVGFAPLAAIGSSSFQAVSVPELTQQMFDANNMMVAADPRHGRYLTVAALFRGK
VSMKEVDEQIRSVQTKNSAYFVEWIPDNVLKAVCSVPPKDLKMSATFIGNSTSIQEIFRRLGDQFSAMFRRKAFLHWYTG
EGMDEMEFTEAESNMNDLVSEYQQYQEAGIDEGDEDYEIEEEKEPLEY
;
B
3 'polypeptide(L)'
;MREVISVHVGQAGVQIGNACWELYCLEHGIGPDGFPTENSEVHKNNSYLNDGFGTFFSETGQGKFVPRSIYVDLEPNVID
QVRTGPYKDLFHPEQMVTGKEDASNNYARGHYTVGKEMIDSVLERIRRMADNCSGLQGFLVFHSFGGGTGSGLGALLLER
LNMEYGKKSNLQFSVYPAPQVSTSVVEPYNSVLTTHATLDNSDCTFMVDNEACYDICRRNLDIERPTYENLNRLIAQVVS
SITASLRFAGSLNVDLNEFQTNLVPYPRIHFPLVTYSPIVSAAKAFHESNSVQEITNQCFEPYNQMVKCDPRTGRYMATC
LLYRGDVIPRDVQAAVTSIKSRRTIQFVDWCPTGFKIGICYEPPQHVPGSGIAKVNRAVCMLSNTTSIAEAWSRLDHKFD
LMYSKRAFVHWYVGEGMEEGEFSEAREDLAALERDYEEVGQDSMDNEMYEADEEY
;
A
#
loop_
_chem_comp.id
_chem_comp.type
_chem_comp.name
_chem_comp.formula
ANP non-polymer 'PHOSPHOAMINOPHOSPHONIC ACID-ADENYLATE ESTER' 'C10 H17 N6 O12 P3'
EPB non-polymer 7,11-DIHYDROXY-8,8,10,12,16-PENTAMETHYL-3-[1-METHYL-2-(2-METHYL-THIAZOL-4-YL)VINYL]-4,17-DIOXABICYCLO[14.1.0]HEPTADECANE-5,9-DIONE 'C27 H41 N O6 S'
GDP RNA linking GUANOSINE-5'-DIPHOSPHATE 'C10 H15 N5 O11 P2'
GTP non-polymer GUANOSINE-5'-TRIPHOSPHATE 'C10 H16 N5 O14 P3'
MG non-polymer 'MAGNESIUM ION' 'Mg 2'
#
# COMPACT_ATOMS: atom_id res chain seq x y z
N GLU A 74 -11.60 -43.44 5.17
CA GLU A 74 -11.74 -42.63 6.37
C GLU A 74 -12.21 -41.23 6.03
N ASN A 75 -12.31 -40.38 7.06
CA ASN A 75 -12.69 -38.98 6.91
C ASN A 75 -11.76 -38.11 7.74
N GLU A 76 -10.45 -38.36 7.61
CA GLU A 76 -9.44 -37.77 8.46
C GLU A 76 -8.96 -36.44 7.89
N THR A 77 -7.84 -35.94 8.43
CA THR A 77 -7.28 -34.63 8.11
C THR A 77 -6.23 -34.74 7.04
N ASN A 78 -6.52 -35.58 6.04
CA ASN A 78 -5.60 -35.95 4.98
C ASN A 78 -5.29 -34.77 4.08
N ILE A 79 -4.11 -34.19 4.30
CA ILE A 79 -3.50 -33.17 3.44
C ILE A 79 -2.05 -33.56 3.25
N ASN A 80 -1.65 -33.87 2.02
CA ASN A 80 -0.31 -34.38 1.79
C ASN A 80 0.65 -33.24 1.50
N VAL A 81 1.75 -33.19 2.25
CA VAL A 81 2.81 -32.20 2.05
C VAL A 81 4.16 -32.90 2.06
N VAL A 82 5.01 -32.55 1.09
CA VAL A 82 6.37 -33.10 0.99
C VAL A 82 7.33 -31.97 0.70
N VAL A 83 8.60 -32.18 1.06
CA VAL A 83 9.66 -31.20 0.84
C VAL A 83 10.84 -31.91 0.21
N ARG A 84 11.30 -31.41 -0.94
CA ARG A 84 12.50 -31.90 -1.62
C ARG A 84 13.29 -30.69 -2.10
N VAL A 85 14.45 -30.45 -1.49
CA VAL A 85 15.26 -29.28 -1.84
C VAL A 85 16.05 -29.60 -3.10
N ARG A 86 16.66 -28.59 -3.69
CA ARG A 86 17.53 -28.78 -4.84
C ARG A 86 18.95 -29.02 -4.36
N GLY A 87 19.90 -29.02 -5.30
CA GLY A 87 21.31 -29.17 -4.98
C GLY A 87 22.08 -27.91 -5.30
N ARG A 88 23.12 -27.65 -4.51
CA ARG A 88 24.02 -26.54 -4.77
C ARG A 88 24.83 -26.80 -6.03
N THR A 89 25.35 -25.72 -6.61
CA THR A 89 26.39 -25.84 -7.63
C THR A 89 27.73 -25.49 -7.01
N ASP A 90 28.80 -25.66 -7.81
CA ASP A 90 30.16 -25.53 -7.29
C ASP A 90 30.48 -24.09 -6.92
N GLN A 91 29.97 -23.12 -7.68
CA GLN A 91 30.29 -21.74 -7.43
C GLN A 91 29.57 -21.17 -6.21
N GLU A 92 28.41 -21.73 -5.85
CA GLU A 92 27.58 -21.14 -4.80
C GLU A 92 28.16 -21.25 -3.39
N VAL A 93 28.26 -22.46 -2.84
CA VAL A 93 28.56 -22.58 -1.42
C VAL A 93 30.05 -22.44 -1.17
N ARG A 94 30.88 -22.79 -2.16
CA ARG A 94 32.32 -22.58 -2.07
C ARG A 94 32.67 -21.09 -1.99
N ASP A 95 31.82 -20.22 -2.53
CA ASP A 95 31.94 -18.79 -2.31
C ASP A 95 31.22 -18.34 -1.04
N ASN A 96 30.04 -18.89 -0.76
CA ASN A 96 29.10 -18.28 0.18
C ASN A 96 29.10 -18.91 1.56
N SER A 97 29.42 -20.21 1.67
CA SER A 97 29.33 -20.99 2.91
C SER A 97 27.91 -20.96 3.47
N SER A 98 27.01 -21.62 2.75
CA SER A 98 25.58 -21.47 2.92
C SER A 98 25.08 -22.16 4.19
N LEU A 99 23.75 -22.23 4.32
CA LEU A 99 23.09 -22.73 5.52
C LEU A 99 23.36 -24.21 5.75
N ALA A 100 23.19 -24.63 7.00
CA ALA A 100 23.14 -26.02 7.41
C ALA A 100 21.77 -26.22 8.01
N VAL A 101 20.77 -26.46 7.16
CA VAL A 101 19.39 -26.62 7.63
C VAL A 101 18.75 -27.93 7.16
N SER A 102 19.24 -28.56 6.09
CA SER A 102 18.60 -29.75 5.53
C SER A 102 19.55 -30.94 5.56
N THR A 103 18.96 -32.13 5.71
CA THR A 103 19.70 -33.37 5.85
C THR A 103 19.80 -34.08 4.50
N SER A 104 20.45 -35.26 4.51
CA SER A 104 20.68 -36.04 3.30
C SER A 104 19.41 -36.72 2.77
N GLY A 105 18.30 -36.66 3.50
CA GLY A 105 17.03 -37.08 2.95
C GLY A 105 16.78 -38.56 2.97
N ALA A 106 16.85 -39.18 4.14
CA ALA A 106 16.44 -40.57 4.27
C ALA A 106 14.94 -40.67 4.41
N MET A 107 14.38 -40.12 5.49
CA MET A 107 12.94 -40.06 5.70
C MET A 107 12.60 -38.71 6.32
N GLY A 108 11.29 -38.45 6.45
CA GLY A 108 10.83 -37.16 6.92
C GLY A 108 11.04 -36.99 8.41
N ALA A 109 11.86 -36.02 8.80
CA ALA A 109 12.10 -35.74 10.21
C ALA A 109 12.51 -34.29 10.38
N GLU A 110 12.15 -33.72 11.53
CA GLU A 110 12.45 -32.32 11.81
C GLU A 110 13.94 -32.11 12.04
N LEU A 111 14.50 -31.08 11.42
CA LEU A 111 15.95 -30.92 11.40
C LEU A 111 16.46 -29.82 12.32
N ALA A 112 16.26 -28.54 11.95
CA ALA A 112 16.81 -27.37 12.65
C ALA A 112 16.42 -26.10 11.90
N ILE A 113 16.74 -24.96 12.50
CA ILE A 113 16.98 -23.69 11.80
C ILE A 113 18.24 -23.10 12.40
N GLN A 114 19.33 -23.08 11.64
CA GLN A 114 20.59 -22.62 12.19
C GLN A 114 21.52 -22.16 11.07
N SER A 115 22.37 -21.20 11.42
CA SER A 115 23.50 -20.77 10.62
C SER A 115 24.53 -20.28 11.62
N ASP A 116 25.82 -20.58 11.37
CA ASP A 116 26.89 -20.58 12.37
C ASP A 116 26.41 -21.47 13.51
N PRO A 117 26.43 -22.80 13.33
CA PRO A 117 25.59 -23.68 14.17
C PRO A 117 26.07 -23.83 15.60
N SER A 118 27.37 -23.76 15.86
CA SER A 118 27.85 -23.81 17.25
C SER A 118 28.00 -22.41 17.83
N SER A 119 26.94 -21.62 17.69
CA SER A 119 26.95 -20.22 18.11
C SER A 119 25.51 -19.84 18.47
N MET A 120 25.25 -18.55 18.56
CA MET A 120 23.94 -18.07 19.02
C MET A 120 22.99 -17.81 17.85
N LEU A 121 22.87 -18.79 16.94
CA LEU A 121 21.74 -18.87 16.00
C LEU A 121 21.37 -20.34 15.84
N VAL A 122 20.56 -20.86 16.76
CA VAL A 122 19.89 -22.15 16.66
C VAL A 122 18.52 -21.94 17.29
N THR A 123 17.45 -22.00 16.49
CA THR A 123 16.14 -21.58 16.99
C THR A 123 15.17 -22.74 17.17
N LYS A 124 14.83 -23.45 16.09
CA LYS A 124 13.71 -24.40 16.16
C LYS A 124 13.75 -25.31 14.95
N THR A 125 12.95 -26.37 15.01
CA THR A 125 12.79 -27.34 13.94
C THR A 125 11.37 -27.28 13.40
N TYR A 126 11.18 -27.87 12.23
CA TYR A 126 9.87 -27.96 11.57
C TYR A 126 9.54 -29.43 11.36
N ALA A 127 8.45 -29.89 11.96
CA ALA A 127 8.00 -31.27 11.77
C ALA A 127 7.56 -31.51 10.34
N PHE A 128 7.93 -32.67 9.81
CA PHE A 128 7.86 -32.96 8.38
C PHE A 128 7.07 -34.24 8.14
N ASP A 129 6.85 -34.55 6.86
CA ASP A 129 6.38 -35.84 6.42
C ASP A 129 7.41 -36.59 5.60
N LYS A 130 7.95 -35.95 4.57
CA LYS A 130 8.99 -36.53 3.71
C LYS A 130 9.96 -35.40 3.36
N VAL A 131 11.03 -35.29 4.13
CA VAL A 131 12.09 -34.37 3.78
C VAL A 131 13.09 -35.14 2.92
N PHE A 132 13.59 -34.49 1.88
CA PHE A 132 14.61 -35.09 1.04
C PHE A 132 15.59 -34.01 0.61
N GLY A 133 16.88 -34.29 0.80
CA GLY A 133 17.91 -33.37 0.41
C GLY A 133 18.17 -33.43 -1.09
N PRO A 134 19.40 -33.13 -1.50
CA PRO A 134 19.79 -33.27 -2.90
C PRO A 134 20.14 -34.71 -3.30
N GLU A 135 19.28 -35.65 -2.93
CA GLU A 135 19.57 -37.07 -3.01
C GLU A 135 18.44 -37.84 -3.66
N ALA A 136 17.22 -37.33 -3.55
CA ALA A 136 16.05 -38.09 -4.01
C ALA A 136 15.94 -38.06 -5.54
N ASP A 137 15.27 -39.08 -6.07
CA ASP A 137 15.04 -39.19 -7.51
C ASP A 137 13.57 -39.39 -7.80
N GLN A 138 13.26 -39.74 -9.05
CA GLN A 138 11.87 -39.83 -9.51
C GLN A 138 11.14 -40.97 -8.83
N LEU A 139 11.58 -42.20 -9.06
CA LEU A 139 10.89 -43.38 -8.58
C LEU A 139 11.06 -43.62 -7.09
N MET A 140 11.88 -42.81 -6.40
CA MET A 140 11.90 -42.85 -4.94
C MET A 140 10.73 -42.08 -4.36
N LEU A 141 10.36 -40.99 -5.03
CA LEU A 141 9.23 -40.16 -4.67
C LEU A 141 7.92 -40.66 -5.25
N PHE A 142 7.97 -41.12 -6.50
CA PHE A 142 6.75 -41.38 -7.27
C PHE A 142 5.99 -42.60 -6.76
N GLU A 143 6.70 -43.62 -6.26
CA GLU A 143 6.02 -44.83 -5.81
C GLU A 143 5.35 -44.66 -4.46
N ASN A 144 5.78 -43.67 -3.67
CA ASN A 144 5.28 -43.48 -2.31
C ASN A 144 4.34 -42.29 -2.20
N SER A 145 4.49 -41.28 -3.04
CA SER A 145 3.67 -40.08 -2.97
C SER A 145 2.53 -40.09 -3.96
N VAL A 146 2.83 -40.23 -5.24
CA VAL A 146 1.79 -40.16 -6.26
C VAL A 146 1.07 -41.49 -6.41
N ALA A 147 1.81 -42.60 -6.35
CA ALA A 147 1.23 -43.91 -6.62
C ALA A 147 0.20 -44.41 -5.60
N PRO A 148 0.28 -44.12 -4.28
CA PRO A 148 -0.90 -44.39 -3.43
C PRO A 148 -2.10 -43.50 -3.72
N MET A 149 -1.92 -42.40 -4.45
CA MET A 149 -3.05 -41.59 -4.88
C MET A 149 -3.43 -41.84 -6.34
N LEU A 150 -2.56 -42.49 -7.12
CA LEU A 150 -2.96 -42.94 -8.45
C LEU A 150 -4.06 -44.00 -8.36
N GLU A 151 -3.93 -44.89 -7.38
CA GLU A 151 -4.96 -45.90 -7.15
C GLU A 151 -6.26 -45.25 -6.67
N GLN A 152 -6.16 -44.15 -5.92
CA GLN A 152 -7.34 -43.41 -5.51
C GLN A 152 -8.06 -42.77 -6.70
N VAL A 153 -7.31 -42.40 -7.74
CA VAL A 153 -7.93 -41.92 -8.97
C VAL A 153 -8.67 -43.05 -9.67
N LEU A 154 -8.06 -44.23 -9.74
CA LEU A 154 -8.75 -45.39 -10.26
C LEU A 154 -9.85 -45.88 -9.31
N ASN A 155 -9.76 -45.54 -8.02
CA ASN A 155 -10.82 -45.88 -7.08
C ASN A 155 -12.04 -44.98 -7.22
N GLY A 156 -11.96 -43.92 -8.02
CA GLY A 156 -13.10 -43.06 -8.22
C GLY A 156 -13.09 -41.88 -7.27
N TYR A 157 -11.98 -41.14 -7.25
CA TYR A 157 -11.84 -39.97 -6.40
C TYR A 157 -11.03 -38.90 -7.10
N ASN A 158 -11.41 -37.65 -6.88
CA ASN A 158 -10.64 -36.51 -7.38
C ASN A 158 -9.42 -36.30 -6.50
N CYS A 159 -8.29 -35.96 -7.12
CA CYS A 159 -7.07 -35.72 -6.39
C CYS A 159 -6.40 -34.46 -6.92
N THR A 160 -5.59 -33.83 -6.07
CA THR A 160 -4.94 -32.58 -6.44
C THR A 160 -3.49 -32.60 -6.01
N ILE A 161 -2.58 -32.37 -6.96
CA ILE A 161 -1.15 -32.32 -6.71
C ILE A 161 -0.60 -31.04 -7.31
N PHE A 162 0.13 -30.26 -6.50
CA PHE A 162 0.72 -29.02 -6.98
C PHE A 162 1.99 -28.75 -6.19
N ALA A 163 2.90 -28.01 -6.81
CA ALA A 163 4.17 -27.66 -6.20
C ALA A 163 4.21 -26.18 -5.84
N TYR A 164 5.13 -25.82 -4.94
CA TYR A 164 5.24 -24.46 -4.45
C TYR A 164 6.65 -24.27 -3.91
N GLY A 165 7.11 -23.03 -3.90
CA GLY A 165 8.39 -22.69 -3.33
C GLY A 165 8.92 -21.39 -3.88
N GLN A 166 10.17 -21.10 -3.53
CA GLN A 166 10.87 -19.96 -4.10
C GLN A 166 11.16 -20.23 -5.57
N THR A 167 11.26 -19.15 -6.36
CA THR A 167 11.63 -19.26 -7.75
C THR A 167 13.04 -19.82 -7.90
N GLY A 168 13.25 -20.56 -8.98
CA GLY A 168 14.54 -21.15 -9.24
C GLY A 168 14.95 -22.27 -8.32
N THR A 169 13.99 -23.00 -7.74
CA THR A 169 14.32 -24.09 -6.84
C THR A 169 13.99 -25.46 -7.38
N GLY A 170 13.01 -25.60 -8.27
CA GLY A 170 12.72 -26.91 -8.81
C GLY A 170 11.27 -27.30 -8.90
N LYS A 171 10.37 -26.36 -8.66
CA LYS A 171 8.96 -26.70 -8.70
C LYS A 171 8.38 -26.69 -10.11
N THR A 172 9.11 -26.20 -11.11
CA THR A 172 8.78 -26.55 -12.48
C THR A 172 9.44 -27.87 -12.86
N TYR A 173 10.62 -28.14 -12.30
CA TYR A 173 11.24 -29.46 -12.44
C TYR A 173 10.42 -30.54 -11.75
N THR A 174 9.65 -30.18 -10.72
CA THR A 174 8.87 -31.17 -9.99
C THR A 174 7.71 -31.69 -10.83
N MET A 175 6.95 -30.79 -11.45
CA MET A 175 5.83 -31.22 -12.28
C MET A 175 6.33 -31.82 -13.59
N SER A 176 7.02 -31.04 -14.40
CA SER A 176 7.47 -31.45 -15.72
C SER A 176 8.98 -31.25 -15.79
N GLY A 177 9.73 -32.35 -15.66
CA GLY A 177 11.16 -32.22 -15.49
C GLY A 177 12.00 -32.23 -16.75
N ASP A 178 11.86 -33.26 -17.57
CA ASP A 178 12.78 -33.46 -18.69
C ASP A 178 12.03 -33.58 -20.00
N LEU A 179 12.76 -33.29 -21.08
CA LEU A 179 12.28 -33.38 -22.45
C LEU A 179 13.16 -34.34 -23.24
N SER A 180 13.71 -35.35 -22.57
CA SER A 180 14.51 -36.37 -23.24
C SER A 180 13.63 -37.22 -24.15
N ASP A 181 12.60 -37.85 -23.57
CA ASP A 181 11.45 -38.42 -24.30
C ASP A 181 11.88 -39.53 -25.26
N SER A 182 12.69 -40.45 -24.76
CA SER A 182 13.21 -41.54 -25.57
C SER A 182 12.05 -42.49 -25.86
N ASP A 183 11.42 -42.30 -27.01
CA ASP A 183 10.14 -42.91 -27.32
C ASP A 183 10.24 -44.38 -27.71
N GLY A 184 11.40 -45.02 -27.51
CA GLY A 184 11.44 -46.46 -27.57
C GLY A 184 10.64 -47.08 -26.43
N ILE A 185 10.96 -46.72 -25.19
CA ILE A 185 10.21 -47.23 -24.05
C ILE A 185 9.61 -46.09 -23.26
N LEU A 186 10.46 -45.28 -22.64
CA LEU A 186 10.06 -44.26 -21.67
C LEU A 186 11.17 -43.23 -21.61
N SER A 187 10.92 -42.17 -20.84
CA SER A 187 11.93 -41.15 -20.56
C SER A 187 12.43 -41.31 -19.13
N GLU A 188 13.48 -40.56 -18.80
CA GLU A 188 14.06 -40.59 -17.47
C GLU A 188 14.12 -39.17 -16.90
N GLY A 189 13.75 -39.05 -15.63
CA GLY A 189 13.80 -37.76 -14.96
C GLY A 189 12.75 -36.78 -15.39
N ALA A 190 11.69 -37.24 -16.05
CA ALA A 190 10.77 -36.36 -16.77
C ALA A 190 9.81 -35.59 -15.88
N GLY A 191 9.87 -35.77 -14.56
CA GLY A 191 8.95 -35.11 -13.67
C GLY A 191 7.77 -35.99 -13.32
N LEU A 192 6.95 -35.49 -12.39
CA LEU A 192 5.88 -36.31 -11.81
C LEU A 192 4.76 -36.57 -12.81
N ILE A 193 4.46 -35.61 -13.66
CA ILE A 193 3.35 -35.73 -14.61
C ILE A 193 3.64 -36.79 -15.68
N PRO A 194 4.81 -36.84 -16.36
CA PRO A 194 5.02 -37.97 -17.29
C PRO A 194 5.18 -39.31 -16.61
N ARG A 195 5.59 -39.36 -15.34
CA ARG A 195 5.51 -40.61 -14.61
C ARG A 195 4.07 -40.96 -14.30
N ALA A 196 3.28 -39.97 -13.88
CA ALA A 196 1.86 -40.22 -13.65
C ALA A 196 1.08 -40.31 -14.95
N LEU A 197 1.67 -39.96 -16.08
CA LEU A 197 1.01 -40.19 -17.36
C LEU A 197 0.95 -41.68 -17.66
N TYR A 198 2.11 -42.32 -17.81
CA TYR A 198 2.17 -43.73 -18.23
C TYR A 198 1.59 -44.66 -17.16
N GLN A 199 1.91 -44.41 -15.89
CA GLN A 199 1.55 -45.33 -14.82
C GLN A 199 0.08 -45.26 -14.44
N LEU A 200 -0.70 -44.41 -15.07
CA LEU A 200 -2.14 -44.57 -15.09
C LEU A 200 -2.63 -45.26 -16.36
N PHE A 201 -1.94 -45.05 -17.50
CA PHE A 201 -2.28 -45.83 -18.68
C PHE A 201 -1.82 -47.27 -18.58
N SER A 202 -0.80 -47.55 -17.76
CA SER A 202 -0.26 -48.90 -17.68
C SER A 202 -1.21 -49.83 -16.95
N SER A 203 -1.58 -49.47 -15.72
CA SER A 203 -2.46 -50.32 -14.91
C SER A 203 -3.88 -50.35 -15.44
N LEU A 204 -4.28 -49.37 -16.26
CA LEU A 204 -5.61 -49.38 -16.84
C LEU A 204 -5.71 -50.36 -17.99
N ASP A 205 -4.59 -50.71 -18.61
CA ASP A 205 -4.60 -51.67 -19.70
C ASP A 205 -4.88 -53.09 -19.23
N ASN A 206 -4.76 -53.37 -17.94
CA ASN A 206 -4.84 -54.73 -17.44
C ASN A 206 -5.82 -54.83 -16.28
N SER A 207 -6.97 -54.17 -16.41
CA SER A 207 -8.00 -54.22 -15.37
C SER A 207 -9.39 -54.40 -15.98
N ASN A 208 -9.47 -55.18 -17.07
CA ASN A 208 -10.64 -55.75 -17.75
C ASN A 208 -11.90 -54.90 -17.79
N GLN A 209 -11.75 -53.60 -18.04
CA GLN A 209 -12.89 -52.70 -18.14
C GLN A 209 -12.66 -51.72 -19.29
N GLU A 210 -13.76 -51.13 -19.75
CA GLU A 210 -13.70 -50.12 -20.79
C GLU A 210 -13.19 -48.80 -20.22
N TYR A 211 -12.39 -48.08 -21.01
CA TYR A 211 -11.85 -46.81 -20.56
C TYR A 211 -11.87 -45.77 -21.68
N ALA A 212 -12.08 -44.52 -21.30
CA ALA A 212 -11.93 -43.37 -22.19
C ALA A 212 -11.18 -42.27 -21.45
N VAL A 213 -10.25 -41.62 -22.15
CA VAL A 213 -9.32 -40.67 -21.55
C VAL A 213 -9.45 -39.34 -22.28
N LYS A 214 -9.72 -38.27 -21.53
CA LYS A 214 -9.68 -36.92 -22.05
C LYS A 214 -8.83 -36.06 -21.12
N CYS A 215 -8.26 -34.99 -21.69
CA CYS A 215 -7.42 -34.08 -20.92
C CYS A 215 -7.64 -32.65 -21.41
N SER A 216 -7.18 -31.71 -20.59
CA SER A 216 -7.20 -30.30 -20.96
C SER A 216 -6.04 -29.63 -20.25
N TYR A 217 -5.20 -28.93 -21.00
CA TYR A 217 -3.97 -28.35 -20.48
C TYR A 217 -3.86 -26.91 -20.94
N TYR A 218 -3.90 -25.98 -19.98
CA TYR A 218 -3.93 -24.56 -20.26
C TYR A 218 -3.04 -23.86 -19.23
N GLU A 219 -3.10 -22.52 -19.18
CA GLU A 219 -2.27 -21.78 -18.25
C GLU A 219 -3.08 -20.69 -17.56
N LEU A 220 -2.51 -20.18 -16.48
CA LEU A 220 -3.06 -19.04 -15.74
C LEU A 220 -1.98 -17.98 -15.63
N TYR A 221 -2.33 -16.76 -16.05
CA TYR A 221 -1.31 -15.72 -16.21
C TYR A 221 -1.99 -14.36 -16.11
N ASN A 222 -1.76 -13.67 -14.98
CA ASN A 222 -2.26 -12.32 -14.72
C ASN A 222 -3.78 -12.25 -14.81
N GLU A 223 -4.44 -13.11 -14.02
CA GLU A 223 -5.90 -13.21 -13.92
C GLU A 223 -6.53 -13.57 -15.29
N GLU A 224 -5.77 -14.25 -16.14
CA GLU A 224 -6.23 -14.61 -17.46
C GLU A 224 -5.85 -16.05 -17.77
N ILE A 225 -6.59 -16.64 -18.71
CA ILE A 225 -6.49 -18.06 -19.03
C ILE A 225 -6.17 -18.17 -20.51
N ARG A 226 -5.09 -18.87 -20.83
CA ARG A 226 -4.71 -19.14 -22.22
C ARG A 226 -4.62 -20.65 -22.41
N ASP A 227 -5.32 -21.16 -23.42
CA ASP A 227 -5.31 -22.60 -23.68
C ASP A 227 -3.96 -22.99 -24.27
N LEU A 228 -3.25 -23.86 -23.56
CA LEU A 228 -2.01 -24.38 -24.06
C LEU A 228 -2.20 -25.57 -24.99
N LEU A 229 -3.44 -26.01 -25.20
CA LEU A 229 -3.66 -27.09 -26.14
C LEU A 229 -3.63 -26.59 -27.58
N VAL A 230 -4.26 -25.45 -27.83
CA VAL A 230 -4.32 -24.88 -29.16
C VAL A 230 -3.46 -23.62 -29.20
N SER A 231 -2.91 -23.34 -30.36
CA SER A 231 -2.16 -22.11 -30.58
C SER A 231 -3.02 -21.01 -31.18
N GLU A 232 -4.28 -21.30 -31.48
CA GLU A 232 -5.17 -20.31 -32.03
C GLU A 232 -5.54 -19.28 -30.98
N GLU A 233 -6.05 -18.14 -31.45
CA GLU A 233 -6.32 -17.00 -30.57
C GLU A 233 -7.81 -16.99 -30.19
N LEU A 234 -8.20 -17.97 -29.39
CA LEU A 234 -9.56 -18.09 -28.87
C LEU A 234 -9.53 -18.21 -27.36
N ARG A 235 -10.54 -17.63 -26.71
CA ARG A 235 -10.56 -17.51 -25.26
C ARG A 235 -11.98 -17.74 -24.76
N LYS A 236 -12.15 -17.54 -23.46
CA LYS A 236 -13.44 -17.65 -22.82
C LYS A 236 -14.35 -16.51 -23.25
N PRO A 237 -15.66 -16.78 -23.39
CA PRO A 237 -16.59 -15.69 -23.72
C PRO A 237 -16.76 -14.64 -22.61
N ALA A 238 -17.21 -15.03 -21.42
CA ALA A 238 -17.41 -14.06 -20.35
C ALA A 238 -16.61 -14.36 -19.08
N ARG A 239 -16.87 -15.49 -18.41
CA ARG A 239 -16.40 -15.70 -17.04
C ARG A 239 -16.30 -17.21 -16.79
N VAL A 240 -15.67 -17.54 -15.66
CA VAL A 240 -15.65 -18.91 -15.14
C VAL A 240 -16.99 -19.18 -14.47
N PHE A 241 -17.54 -20.36 -14.70
CA PHE A 241 -18.91 -20.67 -14.28
C PHE A 241 -18.95 -21.60 -13.07
N GLU A 242 -20.02 -21.44 -12.28
CA GLU A 242 -20.41 -22.40 -11.26
C GLU A 242 -21.40 -23.39 -11.87
N ASP A 243 -22.06 -24.17 -11.03
CA ASP A 243 -23.18 -25.00 -11.46
C ASP A 243 -24.14 -25.20 -10.31
N THR A 244 -25.37 -25.60 -10.64
CA THR A 244 -26.37 -25.95 -9.66
C THR A 244 -26.31 -27.42 -9.27
N SER A 245 -25.34 -28.18 -9.78
CA SER A 245 -25.27 -29.61 -9.50
C SER A 245 -24.51 -29.89 -8.22
N ARG A 246 -23.29 -29.38 -8.11
CA ARG A 246 -22.47 -29.55 -6.91
C ARG A 246 -21.92 -28.21 -6.47
N ARG A 247 -21.33 -28.20 -5.28
CA ARG A 247 -20.57 -27.06 -4.81
C ARG A 247 -19.10 -27.14 -5.20
N GLY A 248 -18.54 -28.37 -5.22
CA GLY A 248 -17.14 -28.56 -5.52
C GLY A 248 -16.77 -28.32 -6.97
N ASN A 249 -17.74 -28.23 -7.87
CA ASN A 249 -17.46 -27.89 -9.25
C ASN A 249 -17.18 -26.40 -9.36
N VAL A 250 -16.03 -26.05 -9.93
CA VAL A 250 -15.81 -24.73 -10.49
C VAL A 250 -15.41 -24.96 -11.95
N VAL A 251 -16.41 -25.03 -12.81
CA VAL A 251 -16.18 -25.47 -14.18
C VAL A 251 -15.66 -24.30 -15.00
N ILE A 252 -14.77 -24.58 -15.94
CA ILE A 252 -14.25 -23.58 -16.85
C ILE A 252 -14.66 -23.98 -18.26
N THR A 253 -15.59 -23.24 -18.83
CA THR A 253 -15.99 -23.43 -20.20
C THR A 253 -15.24 -22.45 -21.09
N GLY A 254 -15.62 -22.40 -22.36
CA GLY A 254 -14.96 -21.54 -23.32
C GLY A 254 -13.56 -21.97 -23.65
N ILE A 255 -13.23 -23.23 -23.43
CA ILE A 255 -11.87 -23.74 -23.62
C ILE A 255 -11.97 -25.23 -23.92
N GLU A 256 -11.08 -25.70 -24.78
CA GLU A 256 -11.21 -27.04 -25.33
C GLU A 256 -10.54 -28.07 -24.42
N GLU A 257 -11.20 -29.22 -24.27
CA GLU A 257 -10.53 -30.44 -23.84
C GLU A 257 -10.39 -31.37 -25.05
N SER A 258 -9.33 -32.17 -25.03
CA SER A 258 -9.00 -33.04 -26.15
C SER A 258 -9.08 -34.49 -25.74
N TYR A 259 -9.24 -35.36 -26.73
CA TYR A 259 -9.41 -36.79 -26.50
C TYR A 259 -8.07 -37.49 -26.64
N ILE A 260 -7.85 -38.50 -25.79
CA ILE A 260 -6.58 -39.23 -25.74
C ILE A 260 -6.88 -40.72 -25.75
N LYS A 261 -6.27 -41.44 -26.70
CA LYS A 261 -6.50 -42.87 -26.84
C LYS A 261 -5.62 -43.67 -25.89
N ASN A 262 -4.33 -43.37 -25.87
CA ASN A 262 -3.37 -44.24 -25.19
C ASN A 262 -2.32 -43.48 -24.39
N ALA A 263 -1.30 -44.20 -23.94
CA ALA A 263 -0.12 -43.55 -23.38
C ALA A 263 0.67 -42.81 -24.45
N GLY A 264 0.57 -43.27 -25.70
CA GLY A 264 1.25 -42.62 -26.81
C GLY A 264 0.64 -41.31 -27.25
N ASP A 265 -0.52 -40.94 -26.72
CA ASP A 265 -1.14 -39.66 -27.00
C ASP A 265 -0.98 -38.68 -25.84
N GLY A 266 -0.46 -39.13 -24.71
CA GLY A 266 -0.25 -38.27 -23.56
C GLY A 266 0.84 -37.24 -23.77
N LEU A 267 2.07 -37.71 -23.97
CA LEU A 267 3.19 -36.83 -24.29
C LEU A 267 3.04 -36.20 -25.66
N ARG A 268 2.27 -36.84 -26.57
CA ARG A 268 2.03 -36.34 -27.91
C ARG A 268 1.39 -34.96 -27.91
N LEU A 269 0.54 -34.68 -26.93
CA LEU A 269 -0.10 -33.38 -26.81
C LEU A 269 0.57 -32.49 -25.77
N LEU A 270 1.23 -33.09 -24.77
CA LEU A 270 1.86 -32.32 -23.72
C LEU A 270 3.18 -31.68 -24.18
N ARG A 271 3.79 -32.24 -25.24
CA ARG A 271 5.09 -31.78 -25.71
C ARG A 271 5.01 -30.36 -26.27
N GLU A 272 4.22 -30.20 -27.34
CA GLU A 272 3.93 -28.86 -27.85
C GLU A 272 3.05 -28.07 -26.88
N GLY A 273 2.30 -28.76 -26.03
CA GLY A 273 1.42 -28.07 -25.10
C GLY A 273 2.18 -27.33 -24.02
N SER A 274 3.21 -27.96 -23.44
CA SER A 274 4.06 -27.28 -22.47
C SER A 274 4.93 -26.21 -23.11
N HIS A 275 5.10 -26.27 -24.44
CA HIS A 275 5.86 -25.26 -25.17
C HIS A 275 5.05 -23.99 -25.41
N ARG A 276 3.72 -24.06 -25.29
CA ARG A 276 2.88 -22.90 -25.57
C ARG A 276 2.93 -21.83 -24.49
N ARG A 277 3.49 -22.12 -23.31
CA ARG A 277 3.46 -21.16 -22.22
C ARG A 277 4.50 -20.07 -22.45
N GLN A 278 4.58 -19.14 -21.50
CA GLN A 278 5.49 -18.00 -21.62
C GLN A 278 6.64 -18.20 -20.65
N VAL A 279 7.70 -18.85 -21.14
CA VAL A 279 8.93 -19.07 -20.37
C VAL A 279 9.72 -17.76 -20.41
N ALA A 280 9.69 -17.02 -19.32
CA ALA A 280 10.44 -15.78 -19.25
C ALA A 280 11.85 -16.07 -18.75
N ALA A 281 12.66 -15.04 -18.65
CA ALA A 281 14.06 -15.17 -18.25
C ALA A 281 14.33 -14.22 -17.09
N THR A 282 14.75 -14.78 -15.95
CA THR A 282 15.12 -13.98 -14.80
C THR A 282 16.60 -13.65 -14.85
N LYS A 283 17.06 -12.87 -13.87
CA LYS A 283 18.49 -12.77 -13.66
C LYS A 283 19.06 -14.07 -13.13
N CYS A 284 18.28 -14.79 -12.31
CA CYS A 284 18.76 -16.04 -11.74
C CYS A 284 18.74 -17.18 -12.76
N ASN A 285 17.60 -17.38 -13.41
CA ASN A 285 17.42 -18.53 -14.29
C ASN A 285 16.78 -18.11 -15.60
N ASP A 286 17.16 -18.82 -16.66
CA ASP A 286 16.55 -18.68 -17.97
C ASP A 286 15.46 -19.71 -18.20
N LEU A 287 15.07 -20.42 -17.15
CA LEU A 287 14.09 -21.49 -17.29
C LEU A 287 12.98 -21.33 -16.26
N SER A 288 13.27 -20.62 -15.17
CA SER A 288 12.27 -20.38 -14.13
C SER A 288 11.21 -19.44 -14.69
N SER A 289 10.09 -20.02 -15.09
CA SER A 289 9.09 -19.32 -15.88
C SER A 289 8.22 -18.46 -14.98
N ARG A 290 7.14 -17.92 -15.54
CA ARG A 290 6.25 -17.04 -14.81
C ARG A 290 4.79 -17.45 -14.84
N SER A 291 4.39 -18.39 -15.70
CA SER A 291 2.99 -18.73 -15.87
C SER A 291 2.54 -19.67 -14.75
N HIS A 292 1.34 -20.24 -14.90
CA HIS A 292 0.83 -21.28 -14.01
C HIS A 292 0.33 -22.43 -14.87
N SER A 293 1.20 -23.41 -15.10
CA SER A 293 0.82 -24.57 -15.90
C SER A 293 -0.11 -25.46 -15.10
N ILE A 294 -1.21 -25.87 -15.73
CA ILE A 294 -2.24 -26.67 -15.07
C ILE A 294 -2.73 -27.75 -16.03
N PHE A 295 -2.69 -29.01 -15.58
CA PHE A 295 -2.84 -30.18 -16.44
C PHE A 295 -3.98 -31.03 -15.89
N THR A 296 -5.17 -30.88 -16.49
CA THR A 296 -6.36 -31.57 -16.04
C THR A 296 -6.61 -32.82 -16.88
N ILE A 297 -7.17 -33.84 -16.24
CA ILE A 297 -7.38 -35.16 -16.85
C ILE A 297 -8.81 -35.58 -16.58
N THR A 298 -9.49 -36.06 -17.62
CA THR A 298 -10.85 -36.60 -17.50
C THR A 298 -10.84 -38.05 -17.92
N LEU A 299 -11.21 -38.94 -17.01
CA LEU A 299 -11.12 -40.38 -17.24
C LEU A 299 -12.52 -40.98 -17.25
N HIS A 300 -13.04 -41.27 -18.43
CA HIS A 300 -14.35 -41.90 -18.60
C HIS A 300 -14.18 -43.41 -18.71
N ARG A 301 -13.79 -44.03 -17.61
CA ARG A 301 -13.65 -45.48 -17.60
C ARG A 301 -14.98 -46.12 -17.18
N LYS A 302 -15.15 -47.36 -17.61
CA LYS A 302 -16.39 -48.10 -17.37
C LYS A 302 -16.09 -49.55 -17.02
N LEU A 324 -19.15 -43.87 -17.36
CA LEU A 324 -20.02 -44.20 -16.23
C LEU A 324 -19.45 -43.57 -14.97
N ARG A 325 -18.14 -43.33 -14.97
CA ARG A 325 -17.48 -42.65 -13.86
C ARG A 325 -16.39 -41.75 -14.41
N ALA A 326 -16.07 -40.71 -13.64
CA ALA A 326 -15.13 -39.69 -14.09
C ALA A 326 -14.54 -38.99 -12.87
N SER A 327 -13.24 -39.10 -12.69
CA SER A 327 -12.54 -38.43 -11.59
C SER A 327 -11.53 -37.46 -12.18
N LYS A 328 -11.77 -36.17 -11.97
CA LYS A 328 -10.89 -35.14 -12.52
C LYS A 328 -9.63 -35.03 -11.68
N LEU A 329 -8.49 -34.90 -12.35
CA LEU A 329 -7.18 -34.92 -11.70
C LEU A 329 -6.42 -33.66 -12.06
N HIS A 330 -5.89 -32.96 -11.07
CA HIS A 330 -5.28 -31.66 -11.25
C HIS A 330 -3.78 -31.74 -11.05
N MET A 331 -3.03 -31.49 -12.12
CA MET A 331 -1.58 -31.35 -12.07
C MET A 331 -1.25 -29.90 -12.31
N VAL A 332 -0.83 -29.18 -11.27
CA VAL A 332 -0.72 -27.72 -11.30
C VAL A 332 0.72 -27.31 -11.02
N ASP A 333 1.27 -26.46 -11.87
CA ASP A 333 2.50 -25.73 -11.60
C ASP A 333 2.15 -24.36 -11.03
N LEU A 334 3.02 -23.86 -10.15
CA LEU A 334 2.92 -22.51 -9.61
C LEU A 334 4.23 -21.80 -9.81
N ALA A 335 4.16 -20.48 -9.98
CA ALA A 335 5.37 -19.70 -10.22
C ALA A 335 5.97 -19.26 -8.90
N GLY A 336 7.10 -18.56 -8.97
CA GLY A 336 7.89 -18.32 -7.79
C GLY A 336 7.55 -17.04 -7.05
N SER A 337 7.93 -17.02 -5.78
CA SER A 337 7.76 -15.85 -4.91
C SER A 337 8.90 -14.89 -5.20
N GLU A 338 8.71 -14.04 -6.19
CA GLU A 338 9.78 -13.21 -6.71
C GLU A 338 10.10 -12.06 -5.77
N ASN A 339 11.37 -11.88 -5.47
CA ASN A 339 11.82 -10.77 -4.66
C ASN A 339 11.88 -9.51 -5.52
N ILE A 340 12.20 -8.37 -4.91
CA ILE A 340 12.28 -7.12 -5.66
C ILE A 340 13.52 -7.10 -6.55
N GLY A 341 14.72 -7.16 -5.95
CA GLY A 341 15.94 -6.83 -6.65
C GLY A 341 16.55 -7.91 -7.49
N ARG A 342 16.07 -9.15 -7.38
CA ARG A 342 16.65 -10.25 -8.14
C ARG A 342 15.88 -10.54 -9.41
N SER A 343 15.33 -9.52 -10.04
CA SER A 343 14.59 -9.70 -11.28
C SER A 343 15.07 -8.78 -12.39
N GLY A 344 15.47 -7.55 -12.07
CA GLY A 344 15.72 -6.56 -13.09
C GLY A 344 14.46 -6.17 -13.83
N ALA A 345 13.32 -6.20 -13.16
CA ALA A 345 12.03 -6.13 -13.82
C ALA A 345 11.68 -4.70 -14.20
N GLU A 346 11.32 -4.50 -15.46
CA GLU A 346 10.67 -3.27 -15.88
C GLU A 346 9.16 -3.48 -15.81
N ASN A 347 8.41 -2.53 -16.39
CA ASN A 347 6.95 -2.57 -16.31
C ASN A 347 6.34 -3.72 -17.09
N LYS A 348 7.04 -4.24 -18.09
CA LYS A 348 6.55 -5.43 -18.78
C LYS A 348 6.78 -6.68 -17.93
N ARG A 349 7.87 -6.71 -17.16
CA ARG A 349 8.15 -7.85 -16.31
C ARG A 349 7.47 -7.75 -14.95
N ALA A 350 7.04 -6.54 -14.55
CA ALA A 350 6.44 -6.38 -13.24
C ALA A 350 5.05 -7.00 -13.15
N ARG A 351 4.37 -7.14 -14.29
CA ARG A 351 3.07 -7.79 -14.32
C ARG A 351 3.18 -9.25 -13.94
N GLU A 352 4.10 -9.96 -14.57
CA GLU A 352 4.40 -11.34 -14.19
C GLU A 352 5.33 -11.42 -12.98
N THR A 353 5.61 -10.29 -12.34
CA THR A 353 6.22 -10.27 -11.01
C THR A 353 5.18 -9.95 -9.94
N GLY A 354 4.46 -8.85 -10.11
CA GLY A 354 3.53 -8.40 -9.10
C GLY A 354 2.26 -9.20 -9.01
N MET A 355 1.55 -9.34 -10.13
CA MET A 355 0.28 -10.07 -10.16
C MET A 355 0.48 -11.54 -9.83
N ILE A 356 1.65 -12.09 -10.18
CA ILE A 356 1.97 -13.45 -9.80
C ILE A 356 2.13 -13.56 -8.30
N ASN A 357 2.93 -12.65 -7.72
CA ASN A 357 3.09 -12.63 -6.27
C ASN A 357 1.80 -12.20 -5.58
N GLN A 358 0.92 -11.51 -6.29
CA GLN A 358 -0.40 -11.17 -5.76
C GLN A 358 -1.22 -12.42 -5.48
N SER A 359 -1.22 -13.37 -6.42
CA SER A 359 -1.96 -14.61 -6.21
C SER A 359 -1.23 -15.55 -5.27
N LEU A 360 0.10 -15.49 -5.23
CA LEU A 360 0.83 -16.30 -4.25
C LEU A 360 0.60 -15.79 -2.84
N LEU A 361 0.44 -14.47 -2.68
CA LEU A 361 0.02 -13.94 -1.38
C LEU A 361 -1.40 -14.36 -1.06
N THR A 362 -2.27 -14.36 -2.08
CA THR A 362 -3.64 -14.86 -1.93
C THR A 362 -3.66 -16.33 -1.51
N LEU A 363 -2.71 -17.11 -2.05
CA LEU A 363 -2.57 -18.50 -1.61
C LEU A 363 -2.14 -18.60 -0.16
N GLY A 364 -1.51 -17.55 0.37
CA GLY A 364 -1.22 -17.49 1.79
C GLY A 364 -2.47 -17.40 2.63
N ARG A 365 -3.31 -16.39 2.39
CA ARG A 365 -4.44 -16.14 3.27
C ARG A 365 -5.54 -17.18 3.14
N VAL A 366 -5.61 -17.89 2.02
CA VAL A 366 -6.65 -18.92 1.92
C VAL A 366 -6.31 -20.12 2.77
N ILE A 367 -5.04 -20.30 3.16
CA ILE A 367 -4.69 -21.30 4.14
C ILE A 367 -4.32 -20.68 5.48
N ASN A 368 -4.07 -19.37 5.54
CA ASN A 368 -3.90 -18.71 6.83
C ASN A 368 -5.23 -18.53 7.52
N ALA A 369 -6.33 -18.52 6.77
CA ALA A 369 -7.65 -18.48 7.37
C ALA A 369 -8.16 -19.85 7.77
N LEU A 370 -7.41 -20.92 7.46
CA LEU A 370 -7.84 -22.27 7.81
C LEU A 370 -7.09 -22.82 9.01
N VAL A 371 -6.27 -22.00 9.68
CA VAL A 371 -5.71 -22.43 10.96
C VAL A 371 -6.76 -22.37 12.05
N GLU A 372 -7.84 -21.63 11.83
CA GLU A 372 -8.95 -21.59 12.77
C GLU A 372 -10.31 -21.65 12.12
N LYS A 373 -10.41 -21.42 10.80
CA LYS A 373 -11.62 -21.60 9.99
C LYS A 373 -12.78 -20.73 10.49
N ALA A 374 -12.59 -19.42 10.36
CA ALA A 374 -13.54 -18.46 10.93
C ALA A 374 -14.77 -18.33 10.03
N HIS A 375 -15.58 -17.30 10.28
CA HIS A 375 -16.87 -17.08 9.63
C HIS A 375 -16.77 -16.77 8.15
N HIS A 376 -15.62 -16.67 7.51
CA HIS A 376 -15.59 -16.59 6.07
C HIS A 376 -14.33 -17.26 5.55
N ILE A 377 -14.48 -17.98 4.44
CA ILE A 377 -13.38 -18.63 3.73
C ILE A 377 -13.16 -17.91 2.40
N PRO A 378 -12.18 -17.02 2.33
CA PRO A 378 -12.02 -16.18 1.14
C PRO A 378 -11.46 -16.93 -0.06
N TYR A 379 -12.24 -17.82 -0.66
CA TYR A 379 -11.77 -18.54 -1.83
C TYR A 379 -11.81 -17.72 -3.11
N ARG A 380 -12.64 -16.68 -3.17
CA ARG A 380 -12.88 -15.99 -4.42
C ARG A 380 -12.02 -14.74 -4.58
N GLU A 381 -10.78 -14.78 -4.09
CA GLU A 381 -9.96 -13.58 -4.22
C GLU A 381 -9.29 -13.49 -5.59
N SER A 382 -8.80 -14.61 -6.12
CA SER A 382 -8.27 -14.62 -7.49
C SER A 382 -8.65 -15.94 -8.16
N LYS A 383 -8.36 -16.03 -9.45
CA LYS A 383 -8.72 -17.21 -10.22
C LYS A 383 -7.89 -18.43 -9.84
N LEU A 384 -6.76 -18.24 -9.17
CA LEU A 384 -5.98 -19.38 -8.70
C LEU A 384 -6.68 -20.09 -7.56
N THR A 385 -7.40 -19.35 -6.71
CA THR A 385 -8.02 -19.95 -5.53
C THR A 385 -9.49 -20.28 -5.71
N ARG A 386 -10.17 -19.70 -6.70
CA ARG A 386 -11.50 -20.18 -7.04
C ARG A 386 -11.44 -21.59 -7.58
N LEU A 387 -10.40 -21.91 -8.35
CA LEU A 387 -10.26 -23.25 -8.90
C LEU A 387 -9.90 -24.24 -7.81
N LEU A 388 -9.09 -23.82 -6.84
CA LEU A 388 -8.65 -24.71 -5.78
C LEU A 388 -9.61 -24.71 -4.58
N GLN A 389 -10.86 -24.30 -4.79
CA GLN A 389 -11.81 -24.23 -3.69
C GLN A 389 -12.20 -25.62 -3.22
N ASP A 390 -12.49 -26.53 -4.15
CA ASP A 390 -12.72 -27.93 -3.78
C ASP A 390 -11.42 -28.61 -3.39
N SER A 391 -10.28 -28.11 -3.87
CA SER A 391 -9.01 -28.68 -3.45
C SER A 391 -8.70 -28.32 -2.00
N LEU A 392 -8.58 -27.03 -1.72
CA LEU A 392 -8.12 -26.57 -0.41
C LEU A 392 -9.25 -26.70 0.60
N GLY A 393 -9.19 -27.74 1.43
CA GLY A 393 -10.17 -27.92 2.46
C GLY A 393 -11.54 -28.31 1.97
N GLY A 394 -11.63 -28.91 0.79
CA GLY A 394 -12.91 -29.28 0.24
C GLY A 394 -13.10 -30.79 0.19
N LYS A 395 -13.82 -31.26 -0.82
CA LYS A 395 -14.10 -32.70 -0.94
C LYS A 395 -12.99 -33.46 -1.62
N THR A 396 -11.90 -32.81 -2.00
CA THR A 396 -10.87 -33.40 -2.84
C THR A 396 -9.62 -33.70 -2.01
N LYS A 397 -9.04 -34.88 -2.22
CA LYS A 397 -7.73 -35.18 -1.67
C LYS A 397 -6.67 -34.31 -2.33
N THR A 398 -5.75 -33.77 -1.53
CA THR A 398 -4.85 -32.73 -2.00
C THR A 398 -3.42 -33.02 -1.57
N SER A 399 -2.49 -32.99 -2.52
CA SER A 399 -1.07 -33.11 -2.24
C SER A 399 -0.37 -31.79 -2.54
N MET A 400 0.81 -31.63 -1.94
CA MET A 400 1.53 -30.36 -1.98
C MET A 400 3.02 -30.62 -1.93
N ILE A 401 3.78 -29.92 -2.78
CA ILE A 401 5.24 -30.03 -2.84
C ILE A 401 5.83 -28.68 -2.46
N VAL A 402 6.76 -28.68 -1.52
CA VAL A 402 7.45 -27.47 -1.09
C VAL A 402 8.92 -27.63 -1.48
N THR A 403 9.31 -27.04 -2.60
CA THR A 403 10.66 -27.13 -3.13
C THR A 403 11.38 -25.81 -2.84
N VAL A 404 12.33 -25.84 -1.92
CA VAL A 404 13.03 -24.63 -1.50
C VAL A 404 14.48 -24.72 -1.94
N SER A 405 15.25 -23.67 -1.70
CA SER A 405 16.68 -23.68 -1.96
C SER A 405 17.44 -23.80 -0.66
N SER A 406 18.44 -24.68 -0.63
CA SER A 406 19.32 -24.79 0.53
C SER A 406 20.53 -23.88 0.43
N THR A 407 20.81 -23.35 -0.75
CA THR A 407 21.83 -22.32 -0.91
C THR A 407 21.34 -21.02 -0.27
N ASN A 408 22.23 -20.32 0.41
CA ASN A 408 21.87 -19.06 1.08
C ASN A 408 21.66 -17.95 0.07
N THR A 409 20.62 -18.07 -0.76
CA THR A 409 20.15 -16.96 -1.56
C THR A 409 19.26 -16.03 -0.77
N ASN A 410 18.83 -16.47 0.41
CA ASN A 410 17.94 -15.72 1.29
C ASN A 410 17.97 -16.35 2.67
N LEU A 411 17.45 -15.59 3.64
CA LEU A 411 16.89 -16.14 4.85
C LEU A 411 15.48 -15.58 5.07
N GLU A 412 15.03 -14.70 4.17
CA GLU A 412 13.70 -14.11 4.27
C GLU A 412 12.60 -15.15 4.10
N GLU A 413 12.54 -15.80 2.95
CA GLU A 413 11.60 -16.89 2.74
C GLU A 413 12.30 -18.24 2.63
N THR A 414 13.50 -18.35 3.18
CA THR A 414 14.08 -19.67 3.43
C THR A 414 13.20 -20.45 4.40
N ILE A 415 12.77 -19.83 5.49
CA ILE A 415 11.93 -20.49 6.48
C ILE A 415 10.48 -20.03 6.41
N SER A 416 10.18 -18.95 5.70
CA SER A 416 8.83 -18.41 5.70
C SER A 416 7.88 -19.28 4.87
N THR A 417 8.40 -19.93 3.83
CA THR A 417 7.54 -20.74 2.99
C THR A 417 7.22 -22.11 3.59
N LEU A 418 7.98 -22.56 4.58
CA LEU A 418 7.68 -23.85 5.19
C LEU A 418 6.58 -23.75 6.22
N GLU A 419 6.24 -22.54 6.67
CA GLU A 419 5.13 -22.38 7.60
C GLU A 419 3.79 -22.63 6.95
N TYR A 420 3.72 -22.59 5.62
CA TYR A 420 2.47 -22.85 4.92
C TYR A 420 2.01 -24.29 5.11
N ALA A 421 2.91 -25.25 4.93
CA ALA A 421 2.56 -26.64 5.21
C ALA A 421 2.47 -26.88 6.71
N ALA A 422 3.21 -26.12 7.51
CA ALA A 422 3.23 -26.35 8.95
C ALA A 422 1.94 -25.86 9.60
N ARG A 423 1.44 -24.70 9.18
CA ARG A 423 0.23 -24.15 9.80
C ARG A 423 -1.00 -24.91 9.33
N ALA A 424 -1.20 -25.01 8.02
CA ALA A 424 -2.43 -25.54 7.46
C ALA A 424 -2.40 -27.04 7.25
N LYS A 425 -1.59 -27.77 8.02
CA LYS A 425 -1.61 -29.21 7.94
C LYS A 425 -2.91 -29.77 8.49
N SER A 426 -3.40 -29.21 9.59
CA SER A 426 -4.52 -29.77 10.33
C SER A 426 -5.83 -29.14 9.84
N ILE A 427 -6.24 -29.55 8.63
CA ILE A 427 -7.57 -29.28 8.11
C ILE A 427 -8.13 -30.59 7.56
N ARG A 428 -9.45 -30.69 7.55
CA ARG A 428 -10.12 -31.93 7.19
C ARG A 428 -10.83 -31.80 5.84
N ASN A 429 -11.26 -32.94 5.32
CA ASN A 429 -11.87 -33.04 4.00
C ASN A 429 -13.03 -34.01 4.07
N LYS A 430 -13.55 -34.39 2.90
CA LYS A 430 -14.57 -35.43 2.80
C LYS A 430 -14.52 -36.09 1.43
N PRO A 431 -13.90 -37.27 1.31
CA PRO A 431 -13.85 -37.98 0.02
C PRO A 431 -15.19 -38.61 -0.31
N GLN A 432 -15.76 -38.23 -1.45
CA GLN A 432 -17.04 -38.77 -1.90
C GLN A 432 -16.86 -39.58 -3.18
N ASN A 433 -17.76 -40.53 -3.38
CA ASN A 433 -17.68 -41.49 -4.48
C ASN A 433 -18.33 -40.89 -5.73
N ASN A 434 -17.95 -41.44 -6.89
CA ASN A 434 -18.44 -40.96 -8.18
C ASN A 434 -18.67 -42.16 -9.11
N GLN A 435 -19.90 -42.66 -9.12
CA GLN A 435 -20.44 -43.43 -10.23
C GLN A 435 -21.65 -42.65 -10.71
N LEU A 436 -21.49 -41.91 -11.80
CA LEU A 436 -22.53 -41.01 -12.30
C LEU A 436 -23.69 -41.82 -12.84
N VAL A 437 -24.80 -41.83 -12.10
CA VAL A 437 -25.95 -42.66 -12.44
C VAL A 437 -26.70 -42.01 -13.61
N PHE A 438 -26.82 -42.74 -14.71
CA PHE A 438 -27.53 -42.25 -15.87
C PHE A 438 -29.02 -42.52 -15.75
N ARG B 2 0.27 15.37 -14.06
CA ARG B 2 -0.67 14.52 -13.34
C ARG B 2 -2.07 14.78 -13.86
N GLU B 3 -2.55 13.90 -14.72
CA GLU B 3 -3.87 14.02 -15.31
C GLU B 3 -4.67 12.77 -14.95
N ILE B 4 -5.98 12.92 -14.91
CA ILE B 4 -6.86 11.76 -14.86
C ILE B 4 -7.85 11.85 -16.01
N VAL B 5 -8.48 10.74 -16.35
CA VAL B 5 -9.44 10.72 -17.43
C VAL B 5 -10.84 10.57 -16.86
N HIS B 6 -11.76 11.40 -17.34
CA HIS B 6 -13.11 11.46 -16.83
C HIS B 6 -14.09 10.88 -17.85
N ILE B 7 -14.99 10.04 -17.36
CA ILE B 7 -16.04 9.45 -18.20
C ILE B 7 -17.39 9.71 -17.57
N GLN B 8 -18.32 10.24 -18.34
CA GLN B 8 -19.71 10.33 -17.92
C GLN B 8 -20.51 9.38 -18.80
N ALA B 9 -20.52 8.12 -18.43
CA ALA B 9 -21.22 7.11 -19.21
C ALA B 9 -22.61 6.98 -18.65
N GLY B 10 -23.60 7.42 -19.40
CA GLY B 10 -24.98 7.28 -19.01
C GLY B 10 -25.65 8.61 -18.75
N GLN B 11 -26.97 8.54 -18.55
CA GLN B 11 -27.76 9.74 -18.37
C GLN B 11 -27.44 10.40 -17.04
N CYS B 12 -27.22 9.61 -16.00
CA CYS B 12 -26.81 10.18 -14.72
C CYS B 12 -25.39 10.69 -14.79
N GLY B 13 -24.57 10.10 -15.66
CA GLY B 13 -23.27 10.66 -15.92
C GLY B 13 -23.36 12.06 -16.51
N ASN B 14 -24.39 12.29 -17.33
CA ASN B 14 -24.53 13.59 -17.97
C ASN B 14 -24.91 14.65 -16.95
N GLN B 15 -25.92 14.38 -16.14
CA GLN B 15 -26.42 15.40 -15.23
C GLN B 15 -25.58 15.53 -13.96
N VAL B 16 -24.65 14.62 -13.69
CA VAL B 16 -23.70 14.96 -12.63
C VAL B 16 -22.54 15.76 -13.17
N GLY B 17 -22.26 15.64 -14.46
CA GLY B 17 -21.07 16.26 -15.00
C GLY B 17 -21.23 17.75 -15.16
N ALA B 18 -22.40 18.18 -15.63
CA ALA B 18 -22.73 19.59 -15.64
C ALA B 18 -22.85 20.14 -14.22
N ALA B 19 -23.11 19.28 -13.24
CA ALA B 19 -22.92 19.67 -11.85
C ALA B 19 -21.46 19.52 -11.43
N PHE B 20 -20.73 18.61 -12.05
CA PHE B 20 -19.32 18.46 -11.68
C PHE B 20 -18.48 19.59 -12.21
N TRP B 21 -18.42 19.73 -13.53
CA TRP B 21 -17.46 20.64 -14.12
C TRP B 21 -17.80 22.11 -13.86
N SER B 22 -19.05 22.38 -13.48
CA SER B 22 -19.41 23.73 -13.09
C SER B 22 -18.72 24.12 -11.81
N THR B 23 -18.63 23.22 -10.84
CA THR B 23 -17.95 23.59 -9.61
C THR B 23 -16.45 23.37 -9.69
N ILE B 24 -15.96 22.71 -10.73
CA ILE B 24 -14.52 22.61 -10.90
C ILE B 24 -13.98 23.85 -11.58
N ALA B 25 -14.64 24.26 -12.67
CA ALA B 25 -14.19 25.44 -13.41
C ALA B 25 -14.32 26.71 -12.59
N ASP B 26 -15.32 26.77 -11.72
CA ASP B 26 -15.37 27.87 -10.77
C ASP B 26 -14.28 27.77 -9.72
N GLU B 27 -13.77 26.57 -9.46
CA GLU B 27 -12.79 26.44 -8.40
C GLU B 27 -11.41 26.89 -8.87
N HIS B 28 -11.06 26.62 -10.11
CA HIS B 28 -9.79 27.13 -10.61
C HIS B 28 -9.90 28.52 -11.21
N GLY B 29 -11.10 29.08 -11.27
CA GLY B 29 -11.26 30.43 -11.75
C GLY B 29 -11.64 30.55 -13.21
N LEU B 30 -11.89 29.45 -13.89
CA LEU B 30 -12.37 29.52 -15.26
C LEU B 30 -13.79 30.03 -15.27
N ASP B 31 -14.17 30.66 -16.39
CA ASP B 31 -15.51 31.21 -16.48
C ASP B 31 -16.49 30.12 -16.87
N SER B 32 -17.70 30.51 -17.24
CA SER B 32 -18.65 29.52 -17.75
C SER B 32 -18.34 29.14 -19.19
N ALA B 33 -17.49 29.90 -19.87
CA ALA B 33 -17.18 29.61 -21.27
C ALA B 33 -15.94 28.71 -21.40
N GLY B 34 -14.85 29.06 -20.76
CA GLY B 34 -13.63 28.29 -20.94
C GLY B 34 -12.39 29.14 -20.99
N ILE B 35 -12.54 30.45 -20.87
CA ILE B 35 -11.40 31.34 -20.83
C ILE B 35 -10.97 31.44 -19.37
N TYR B 36 -9.77 31.94 -19.12
CA TYR B 36 -9.14 31.89 -17.81
C TYR B 36 -9.27 33.22 -17.08
N HIS B 37 -9.46 33.14 -15.76
CA HIS B 37 -9.48 34.33 -14.89
C HIS B 37 -8.89 33.91 -13.55
N GLY B 38 -7.60 34.13 -13.39
CA GLY B 38 -6.90 33.64 -12.22
C GLY B 38 -7.04 34.55 -11.02
N THR B 39 -7.01 33.93 -9.84
CA THR B 39 -6.93 34.64 -8.57
C THR B 39 -5.49 34.76 -8.09
N SER B 40 -4.82 33.63 -7.87
CA SER B 40 -3.43 33.60 -7.44
C SER B 40 -2.76 32.42 -8.12
N GLU B 41 -1.53 32.13 -7.69
CA GLU B 41 -0.67 31.21 -8.41
C GLU B 41 -1.12 29.76 -8.29
N ALA B 42 -1.90 29.44 -7.25
CA ALA B 42 -2.45 28.10 -7.12
C ALA B 42 -3.36 27.76 -8.28
N GLN B 43 -4.13 28.73 -8.76
CA GLN B 43 -4.95 28.53 -9.93
C GLN B 43 -4.18 28.67 -11.23
N HIS B 44 -2.91 29.06 -11.19
CA HIS B 44 -2.15 29.12 -12.44
C HIS B 44 -1.38 27.84 -12.69
N GLU B 45 -0.99 27.12 -11.63
CA GLU B 45 -0.05 26.02 -11.80
C GLU B 45 -0.73 24.66 -11.85
N ARG B 46 -1.91 24.50 -11.29
CA ARG B 46 -2.51 23.18 -11.22
C ARG B 46 -3.82 23.11 -11.99
N LEU B 47 -3.92 23.87 -13.07
CA LEU B 47 -4.91 23.61 -14.08
C LEU B 47 -4.51 22.46 -14.99
N ASN B 48 -3.34 21.88 -14.75
CA ASN B 48 -2.72 20.69 -15.29
C ASN B 48 -3.24 19.43 -14.64
N VAL B 49 -4.39 19.53 -13.97
CA VAL B 49 -4.99 18.36 -13.36
C VAL B 49 -6.11 17.80 -14.23
N TYR B 50 -6.99 18.65 -14.73
CA TYR B 50 -8.07 18.20 -15.58
C TYR B 50 -8.02 18.71 -17.00
N PHE B 51 -7.29 19.79 -17.28
CA PHE B 51 -7.54 20.61 -18.45
C PHE B 51 -6.39 20.50 -19.42
N ASN B 52 -6.70 20.23 -20.68
CA ASN B 52 -5.71 20.32 -21.74
C ASN B 52 -5.70 21.72 -22.32
N GLU B 53 -4.56 22.13 -22.83
CA GLU B 53 -4.34 23.50 -23.29
C GLU B 53 -4.98 23.75 -24.64
N ALA B 54 -5.01 25.02 -25.05
CA ALA B 54 -5.38 25.41 -26.40
C ALA B 54 -4.74 26.77 -26.66
N ALA B 55 -5.10 27.38 -27.79
CA ALA B 55 -4.61 28.71 -28.11
C ALA B 55 -5.23 29.73 -27.16
N GLY B 56 -4.43 30.71 -26.75
CA GLY B 56 -4.88 31.68 -25.80
C GLY B 56 -5.07 31.05 -24.43
N GLY B 57 -5.95 31.67 -23.64
CA GLY B 57 -6.27 31.14 -22.34
C GLY B 57 -7.48 30.25 -22.37
N LYS B 58 -7.66 29.50 -23.46
CA LYS B 58 -8.81 28.63 -23.60
C LYS B 58 -8.45 27.23 -23.13
N TYR B 59 -9.27 26.68 -22.25
CA TYR B 59 -8.99 25.39 -21.64
C TYR B 59 -10.07 24.38 -22.01
N VAL B 60 -9.66 23.13 -22.15
CA VAL B 60 -10.55 22.04 -22.52
C VAL B 60 -10.45 20.93 -21.48
N PRO B 61 -11.54 20.52 -20.89
CA PRO B 61 -11.49 19.49 -19.86
C PRO B 61 -11.34 18.10 -20.45
N ARG B 62 -10.60 17.24 -19.75
CA ARG B 62 -10.53 15.85 -20.16
C ARG B 62 -11.85 15.17 -19.87
N ALA B 63 -12.62 14.89 -20.91
CA ALA B 63 -13.95 14.36 -20.69
C ALA B 63 -14.37 13.59 -21.92
N VAL B 64 -15.04 12.47 -21.70
CA VAL B 64 -15.90 11.87 -22.70
C VAL B 64 -17.25 11.61 -22.07
N LEU B 65 -18.28 11.99 -22.79
CA LEU B 65 -19.63 11.95 -22.25
C LEU B 65 -20.46 11.10 -23.20
N VAL B 66 -20.64 9.83 -22.86
CA VAL B 66 -21.23 8.88 -23.77
C VAL B 66 -22.60 8.49 -23.25
N ASP B 67 -23.60 8.55 -24.12
CA ASP B 67 -24.94 8.14 -23.82
C ASP B 67 -25.45 7.32 -24.99
N LEU B 68 -26.55 6.61 -24.78
CA LEU B 68 -27.26 6.02 -25.90
C LEU B 68 -28.53 6.77 -26.24
N GLU B 69 -29.01 7.61 -25.32
CA GLU B 69 -30.23 8.37 -25.51
C GLU B 69 -29.84 9.73 -26.07
N PRO B 70 -30.13 10.04 -27.33
CA PRO B 70 -29.56 11.25 -27.96
C PRO B 70 -30.18 12.55 -27.49
N GLY B 71 -31.21 12.50 -26.66
CA GLY B 71 -31.90 13.71 -26.26
C GLY B 71 -31.16 14.53 -25.24
N THR B 72 -30.85 13.93 -24.09
CA THR B 72 -30.34 14.68 -22.96
C THR B 72 -28.91 15.15 -23.12
N MET B 73 -28.19 14.66 -24.13
CA MET B 73 -26.87 15.22 -24.42
C MET B 73 -26.99 16.60 -25.03
N ASP B 74 -28.10 16.88 -25.70
CA ASP B 74 -28.30 18.21 -26.27
C ASP B 74 -28.56 19.24 -25.19
N ALA B 75 -28.94 18.82 -23.99
CA ALA B 75 -29.13 19.74 -22.88
C ALA B 75 -27.82 20.30 -22.35
N VAL B 76 -26.68 19.71 -22.72
CA VAL B 76 -25.40 20.23 -22.27
C VAL B 76 -24.58 20.61 -23.50
N LYS B 77 -24.91 20.02 -24.65
CA LYS B 77 -24.23 20.41 -25.89
C LYS B 77 -24.85 21.67 -26.46
N SER B 78 -26.12 21.59 -26.84
CA SER B 78 -26.85 22.80 -27.25
C SER B 78 -27.27 23.62 -26.04
N GLY B 79 -27.26 23.04 -24.85
CA GLY B 79 -27.55 23.78 -23.65
C GLY B 79 -26.36 24.58 -23.18
N LYS B 80 -26.37 24.94 -21.90
CA LYS B 80 -25.33 25.77 -21.36
C LYS B 80 -24.06 24.95 -21.17
N PHE B 81 -22.94 25.66 -21.04
CA PHE B 81 -21.58 25.10 -21.03
C PHE B 81 -21.28 24.31 -22.31
N GLY B 82 -21.93 24.66 -23.42
CA GLY B 82 -21.66 24.02 -24.68
C GLY B 82 -20.40 24.49 -25.35
N ASN B 83 -19.81 25.56 -24.83
CA ASN B 83 -18.53 26.05 -25.29
C ASN B 83 -17.38 25.54 -24.43
N LEU B 84 -17.60 24.46 -23.69
CA LEU B 84 -16.60 24.00 -22.73
C LEU B 84 -16.39 22.49 -22.85
N PHE B 85 -16.69 21.93 -24.02
CA PHE B 85 -16.38 20.54 -24.34
C PHE B 85 -16.02 20.47 -25.82
N ARG B 86 -14.95 19.78 -26.13
CA ARG B 86 -14.63 19.56 -27.54
C ARG B 86 -15.61 18.53 -28.09
N PRO B 87 -16.43 18.87 -29.09
CA PRO B 87 -17.53 17.98 -29.48
C PRO B 87 -17.08 16.71 -30.18
N ASP B 88 -15.80 16.58 -30.52
CA ASP B 88 -15.28 15.29 -30.90
C ASP B 88 -15.30 14.32 -29.73
N ASN B 89 -15.14 14.84 -28.51
CA ASN B 89 -15.21 13.98 -27.35
C ASN B 89 -16.62 13.52 -27.08
N ILE B 90 -17.61 14.38 -27.32
CA ILE B 90 -19.01 13.99 -27.16
C ILE B 90 -19.37 12.98 -28.24
N ILE B 91 -19.84 11.81 -27.83
CA ILE B 91 -20.10 10.75 -28.77
C ILE B 91 -21.25 9.90 -28.25
N TYR B 92 -22.25 9.68 -29.11
CA TYR B 92 -23.48 9.02 -28.70
C TYR B 92 -24.22 8.51 -29.92
N GLY B 93 -24.81 7.33 -29.80
CA GLY B 93 -25.50 6.68 -30.90
C GLY B 93 -26.91 7.16 -31.12
N GLN B 94 -27.80 6.26 -31.54
CA GLN B 94 -29.16 6.63 -31.88
C GLN B 94 -30.21 5.91 -31.04
N SER B 95 -30.10 4.60 -30.89
CA SER B 95 -31.14 3.83 -30.22
C SER B 95 -31.00 3.94 -28.70
N GLY B 96 -32.14 4.02 -28.02
CA GLY B 96 -32.13 4.00 -26.59
C GLY B 96 -31.82 2.61 -26.05
N ALA B 97 -31.40 2.56 -24.79
CA ALA B 97 -31.06 1.28 -24.19
C ALA B 97 -32.32 0.51 -23.84
N GLY B 98 -33.17 1.09 -23.03
CA GLY B 98 -34.34 0.43 -22.51
C GLY B 98 -34.29 0.13 -21.04
N ASN B 99 -33.38 0.77 -20.30
CA ASN B 99 -33.04 0.43 -18.92
C ASN B 99 -32.73 -1.05 -18.79
N ILE B 100 -31.78 -1.49 -19.61
CA ILE B 100 -31.42 -2.88 -19.74
C ILE B 100 -29.92 -2.98 -19.54
N TRP B 101 -29.48 -3.74 -18.53
CA TRP B 101 -28.06 -4.04 -18.46
C TRP B 101 -27.64 -4.93 -19.62
N ALA B 102 -28.46 -5.90 -19.95
CA ALA B 102 -28.11 -6.89 -20.95
C ALA B 102 -28.25 -6.39 -22.37
N LYS B 103 -28.42 -5.09 -22.58
CA LYS B 103 -28.42 -4.51 -23.91
C LYS B 103 -27.30 -3.50 -24.09
N GLY B 104 -26.98 -2.72 -23.06
CA GLY B 104 -25.80 -1.87 -23.11
C GLY B 104 -24.51 -2.64 -23.05
N HIS B 105 -24.54 -3.89 -22.59
CA HIS B 105 -23.37 -4.75 -22.55
C HIS B 105 -23.40 -5.79 -23.66
N TYR B 106 -24.50 -5.95 -24.36
CA TYR B 106 -24.50 -6.90 -25.46
C TYR B 106 -24.21 -6.22 -26.79
N THR B 107 -25.06 -5.28 -27.21
CA THR B 107 -25.04 -4.77 -28.56
C THR B 107 -24.53 -3.34 -28.70
N GLU B 108 -24.89 -2.44 -27.79
CA GLU B 108 -24.59 -1.04 -28.00
C GLU B 108 -23.14 -0.72 -27.71
N GLY B 109 -22.60 -1.30 -26.64
CA GLY B 109 -21.16 -1.27 -26.44
C GLY B 109 -20.43 -1.96 -27.57
N ALA B 110 -21.00 -3.04 -28.07
CA ALA B 110 -20.47 -3.64 -29.28
C ALA B 110 -20.69 -2.80 -30.53
N GLU B 111 -21.30 -1.62 -30.47
CA GLU B 111 -21.35 -0.72 -31.61
C GLU B 111 -20.87 0.68 -31.30
N LEU B 112 -20.49 0.98 -30.06
CA LEU B 112 -19.92 2.29 -29.78
C LEU B 112 -18.58 2.21 -29.08
N ALA B 113 -18.38 1.22 -28.21
CA ALA B 113 -17.20 1.21 -27.37
C ALA B 113 -15.91 0.96 -28.13
N ASP B 114 -15.99 0.54 -29.38
CA ASP B 114 -14.83 0.64 -30.25
C ASP B 114 -14.50 2.11 -30.51
N ALA B 115 -15.49 2.88 -30.95
CA ALA B 115 -15.28 4.28 -31.26
C ALA B 115 -15.23 5.15 -30.02
N VAL B 116 -15.80 4.70 -28.90
CA VAL B 116 -15.65 5.44 -27.65
C VAL B 116 -14.22 5.35 -27.15
N LEU B 117 -13.67 4.14 -27.15
CA LEU B 117 -12.31 3.91 -26.67
C LEU B 117 -11.28 4.60 -27.52
N ASP B 118 -11.56 4.78 -28.82
CA ASP B 118 -10.65 5.46 -29.72
C ASP B 118 -10.44 6.91 -29.32
N VAL B 119 -11.49 7.56 -28.82
CA VAL B 119 -11.35 8.92 -28.33
C VAL B 119 -10.57 8.93 -27.03
N VAL B 120 -10.67 7.85 -26.26
CA VAL B 120 -9.96 7.76 -25.00
C VAL B 120 -8.47 7.60 -25.24
N ARG B 121 -8.08 7.04 -26.38
CA ARG B 121 -6.67 6.81 -26.72
C ARG B 121 -5.88 8.10 -26.72
N ARG B 122 -6.30 9.07 -27.53
CA ARG B 122 -5.54 10.29 -27.66
C ARG B 122 -5.68 11.17 -26.42
N GLU B 123 -6.73 10.99 -25.63
CA GLU B 123 -6.81 11.74 -24.38
C GLU B 123 -5.83 11.20 -23.36
N ALA B 124 -5.54 9.90 -23.42
CA ALA B 124 -4.60 9.33 -22.48
C ALA B 124 -3.17 9.59 -22.91
N GLU B 125 -2.91 9.54 -24.20
CA GLU B 125 -1.55 9.68 -24.69
C GLU B 125 -1.07 11.12 -24.56
N ALA B 126 -1.97 12.10 -24.68
CA ALA B 126 -1.56 13.50 -24.72
C ALA B 126 -1.13 14.06 -23.38
N CYS B 127 -1.12 13.27 -22.31
CA CYS B 127 -0.51 13.69 -21.06
C CYS B 127 0.84 13.01 -20.91
N ASP B 128 1.49 13.27 -19.78
CA ASP B 128 2.73 12.55 -19.52
C ASP B 128 2.50 11.40 -18.56
N ALA B 129 1.86 11.66 -17.43
CA ALA B 129 1.61 10.64 -16.43
C ALA B 129 0.14 10.66 -16.06
N LEU B 130 -0.59 9.65 -16.50
CA LEU B 130 -1.94 9.44 -16.00
C LEU B 130 -1.89 9.07 -14.53
N GLN B 131 -2.98 9.39 -13.82
CA GLN B 131 -3.13 8.97 -12.45
C GLN B 131 -4.33 8.06 -12.27
N GLY B 132 -5.50 8.51 -12.69
CA GLY B 132 -6.73 7.77 -12.47
C GLY B 132 -7.61 7.81 -13.71
N PHE B 133 -8.70 7.08 -13.62
CA PHE B 133 -9.52 6.87 -14.75
C PHE B 133 -10.96 6.85 -14.22
N GLN B 134 -11.59 8.02 -14.21
CA GLN B 134 -12.91 8.11 -13.60
C GLN B 134 -14.01 7.77 -14.59
N LEU B 135 -14.98 6.99 -14.13
CA LEU B 135 -16.14 6.66 -14.95
C LEU B 135 -17.43 6.83 -14.15
N THR B 136 -17.64 8.02 -13.61
CA THR B 136 -18.84 8.35 -12.83
C THR B 136 -20.11 8.09 -13.63
N HIS B 137 -20.86 7.10 -13.17
CA HIS B 137 -22.02 6.59 -13.90
C HIS B 137 -23.13 6.22 -12.95
N SER B 138 -24.14 5.51 -13.43
CA SER B 138 -25.20 5.00 -12.56
C SER B 138 -25.30 3.49 -12.63
N LEU B 139 -26.09 2.94 -11.71
CA LEU B 139 -26.41 1.53 -11.71
C LEU B 139 -27.87 1.26 -12.05
N GLY B 140 -28.72 2.28 -12.02
CA GLY B 140 -30.14 2.08 -12.20
C GLY B 140 -30.53 1.76 -13.63
N GLY B 141 -30.31 2.70 -14.53
CA GLY B 141 -30.71 2.54 -15.92
C GLY B 141 -29.79 1.62 -16.69
N GLY B 142 -29.95 1.63 -18.00
CA GLY B 142 -29.19 0.75 -18.85
C GLY B 142 -27.86 1.35 -19.30
N THR B 143 -27.88 2.61 -19.73
CA THR B 143 -26.72 3.22 -20.36
C THR B 143 -25.58 3.38 -19.38
N GLY B 144 -25.88 3.88 -18.18
CA GLY B 144 -24.84 4.04 -17.18
C GLY B 144 -24.35 2.73 -16.60
N SER B 145 -25.07 1.64 -16.83
CA SER B 145 -24.73 0.34 -16.29
C SER B 145 -24.22 -0.60 -17.36
N GLY B 146 -25.01 -0.82 -18.41
CA GLY B 146 -24.66 -1.79 -19.43
C GLY B 146 -23.45 -1.37 -20.23
N MET B 147 -23.35 -0.09 -20.55
CA MET B 147 -22.09 0.39 -21.04
C MET B 147 -21.10 0.60 -19.90
N GLY B 148 -21.62 0.88 -18.70
CA GLY B 148 -20.76 1.22 -17.58
C GLY B 148 -19.89 0.07 -17.11
N THR B 149 -20.26 -1.15 -17.47
CA THR B 149 -19.41 -2.28 -17.17
C THR B 149 -18.49 -2.62 -18.33
N LEU B 150 -19.01 -2.60 -19.55
CA LEU B 150 -18.19 -2.98 -20.69
C LEU B 150 -17.13 -1.93 -20.97
N LEU B 151 -17.45 -0.65 -20.78
CA LEU B 151 -16.44 0.38 -20.92
C LEU B 151 -15.44 0.31 -19.77
N LEU B 152 -15.87 -0.15 -18.61
CA LEU B 152 -14.92 -0.44 -17.54
C LEU B 152 -13.99 -1.58 -17.90
N SER B 153 -14.55 -2.73 -18.31
CA SER B 153 -13.79 -3.97 -18.43
C SER B 153 -12.73 -3.94 -19.52
N LYS B 154 -12.84 -3.02 -20.46
CA LYS B 154 -11.78 -2.88 -21.46
C LYS B 154 -10.52 -2.31 -20.84
N ILE B 155 -10.67 -1.34 -19.93
CA ILE B 155 -9.55 -0.48 -19.55
C ILE B 155 -8.56 -1.25 -18.69
N ARG B 156 -9.05 -2.18 -17.87
CA ARG B 156 -8.15 -3.03 -17.11
C ARG B 156 -7.32 -3.93 -18.02
N GLU B 157 -7.93 -4.39 -19.11
CA GLU B 157 -7.17 -5.07 -20.15
C GLU B 157 -6.32 -4.08 -20.95
N GLU B 158 -6.69 -2.80 -20.95
CA GLU B 158 -5.92 -1.79 -21.67
C GLU B 158 -4.79 -1.19 -20.85
N TYR B 159 -5.13 -0.62 -19.69
CA TYR B 159 -4.16 0.11 -18.87
C TYR B 159 -4.06 -0.59 -17.52
N PRO B 160 -3.22 -1.60 -17.39
CA PRO B 160 -3.22 -2.41 -16.16
C PRO B 160 -2.45 -1.78 -15.01
N ASP B 161 -2.12 -0.49 -15.11
CA ASP B 161 -1.41 0.17 -14.03
C ASP B 161 -2.24 1.23 -13.34
N ARG B 162 -3.03 1.98 -14.08
CA ARG B 162 -3.66 3.16 -13.52
C ARG B 162 -4.86 2.77 -12.67
N MET B 163 -5.47 3.78 -12.06
CA MET B 163 -6.44 3.57 -11.00
C MET B 163 -7.85 3.90 -11.48
N MET B 164 -8.83 3.29 -10.83
CA MET B 164 -10.22 3.41 -11.22
C MET B 164 -10.97 4.03 -10.06
N ALA B 165 -11.67 5.14 -10.32
CA ALA B 165 -12.48 5.81 -9.31
C ALA B 165 -13.85 6.04 -9.91
N THR B 166 -14.79 5.15 -9.61
CA THR B 166 -16.12 5.21 -10.17
C THR B 166 -17.08 5.65 -9.09
N PHE B 167 -18.01 6.55 -9.44
CA PHE B 167 -18.92 7.09 -8.44
C PHE B 167 -20.33 6.62 -8.69
N SER B 168 -20.50 5.33 -8.94
CA SER B 168 -21.78 4.76 -9.32
C SER B 168 -22.81 4.92 -8.20
N VAL B 169 -23.94 5.50 -8.56
CA VAL B 169 -25.00 5.71 -7.58
C VAL B 169 -25.77 4.41 -7.36
N ALA B 170 -26.31 4.27 -6.17
CA ALA B 170 -26.91 3.01 -5.76
C ALA B 170 -28.42 3.09 -5.85
N PRO B 171 -29.10 1.96 -6.04
CA PRO B 171 -30.54 1.94 -5.93
C PRO B 171 -30.98 2.12 -4.48
N ALA B 172 -32.22 2.39 -4.33
CA ALA B 172 -32.72 2.64 -2.98
C ALA B 172 -33.47 1.43 -2.47
N PRO B 173 -33.44 1.17 -1.15
CA PRO B 173 -34.30 0.13 -0.61
C PRO B 173 -35.77 0.49 -0.66
N LYS B 174 -36.11 1.77 -0.56
CA LYS B 174 -37.49 2.22 -0.60
C LYS B 174 -37.78 3.15 -1.77
N SER B 175 -36.93 4.15 -1.98
CA SER B 175 -37.22 5.24 -2.91
C SER B 175 -36.78 4.94 -4.34
N SER B 176 -36.74 3.66 -4.72
CA SER B 176 -36.23 3.25 -6.03
C SER B 176 -37.10 3.80 -7.14
N ASP B 177 -36.49 3.98 -8.30
CA ASP B 177 -37.05 4.82 -9.34
C ASP B 177 -37.51 4.03 -10.55
N THR B 178 -36.77 2.99 -10.95
CA THR B 178 -37.18 2.14 -12.04
C THR B 178 -37.54 0.77 -11.51
N VAL B 179 -38.01 -0.10 -12.40
CA VAL B 179 -38.54 -1.38 -11.96
C VAL B 179 -37.55 -2.51 -12.19
N VAL B 180 -36.47 -2.27 -12.91
CA VAL B 180 -35.50 -3.30 -13.19
C VAL B 180 -34.32 -3.25 -12.23
N GLU B 181 -34.48 -2.54 -11.11
CA GLU B 181 -33.35 -2.25 -10.22
C GLU B 181 -32.65 -3.48 -9.61
N PRO B 182 -33.34 -4.53 -9.13
CA PRO B 182 -32.56 -5.67 -8.60
C PRO B 182 -31.85 -6.47 -9.69
N TYR B 183 -32.30 -6.41 -10.93
CA TYR B 183 -31.50 -7.02 -11.98
C TYR B 183 -30.42 -6.07 -12.44
N ASN B 184 -30.76 -4.79 -12.63
CA ASN B 184 -29.82 -3.87 -13.24
C ASN B 184 -28.75 -3.42 -12.26
N ALA B 185 -28.85 -3.77 -10.98
CA ALA B 185 -27.76 -3.50 -10.07
C ALA B 185 -26.75 -4.65 -10.05
N THR B 186 -27.22 -5.85 -9.70
CA THR B 186 -26.32 -6.94 -9.36
C THR B 186 -25.56 -7.48 -10.55
N LEU B 187 -26.07 -7.31 -11.76
CA LEU B 187 -25.27 -7.57 -12.93
C LEU B 187 -24.11 -6.61 -13.03
N SER B 188 -24.37 -5.33 -12.78
CA SER B 188 -23.28 -4.36 -12.78
C SER B 188 -22.40 -4.53 -11.57
N MET B 189 -22.95 -5.03 -10.47
CA MET B 189 -22.13 -5.28 -9.29
C MET B 189 -21.19 -6.45 -9.51
N HIS B 190 -21.53 -7.34 -10.44
CA HIS B 190 -20.64 -8.43 -10.78
C HIS B 190 -19.36 -7.91 -11.43
N GLN B 191 -19.50 -7.00 -12.39
CA GLN B 191 -18.33 -6.51 -13.10
C GLN B 191 -17.54 -5.52 -12.25
N LEU B 192 -18.21 -4.83 -11.34
CA LEU B 192 -17.57 -3.71 -10.66
C LEU B 192 -16.74 -4.15 -9.47
N VAL B 193 -17.00 -5.32 -8.90
CA VAL B 193 -16.13 -5.80 -7.84
C VAL B 193 -14.78 -6.23 -8.41
N GLU B 194 -14.82 -6.89 -9.56
CA GLU B 194 -13.60 -7.43 -10.15
C GLU B 194 -12.71 -6.34 -10.72
N ASN B 195 -13.20 -5.62 -11.72
CA ASN B 195 -12.30 -4.79 -12.51
C ASN B 195 -12.04 -3.43 -11.90
N SER B 196 -13.02 -2.84 -11.21
CA SER B 196 -12.81 -1.53 -10.62
C SER B 196 -11.85 -1.62 -9.44
N ASP B 197 -11.10 -0.55 -9.25
CA ASP B 197 -10.22 -0.49 -8.10
C ASP B 197 -11.01 -0.23 -6.83
N GLU B 198 -11.97 0.68 -6.88
CA GLU B 198 -12.90 0.93 -5.78
C GLU B 198 -14.11 1.66 -6.35
N THR B 199 -15.11 1.88 -5.48
CA THR B 199 -16.17 2.82 -5.84
C THR B 199 -16.67 3.51 -4.60
N PHE B 200 -17.41 4.60 -4.81
CA PHE B 200 -18.06 5.35 -3.74
C PHE B 200 -19.56 5.25 -4.00
N CYS B 201 -20.28 4.54 -3.16
CA CYS B 201 -21.71 4.42 -3.37
C CYS B 201 -22.43 5.67 -2.93
N ILE B 202 -23.53 5.98 -3.61
CA ILE B 202 -24.41 7.09 -3.28
C ILE B 202 -25.85 6.64 -3.51
N ASP B 203 -26.70 6.77 -2.49
CA ASP B 203 -28.10 6.42 -2.64
C ASP B 203 -28.98 7.66 -2.51
N ASN B 204 -29.94 7.78 -3.42
CA ASN B 204 -30.79 8.96 -3.46
C ASN B 204 -31.71 9.05 -2.24
N GLU B 205 -32.16 7.90 -1.76
CA GLU B 205 -33.00 7.88 -0.55
C GLU B 205 -32.24 8.40 0.65
N ALA B 206 -30.95 8.12 0.73
CA ALA B 206 -30.14 8.75 1.76
C ALA B 206 -29.98 10.23 1.51
N LEU B 207 -29.85 10.62 0.23
CA LEU B 207 -29.60 12.02 -0.11
C LEU B 207 -30.81 12.89 0.16
N SER B 208 -32.00 12.31 0.10
CA SER B 208 -33.19 13.08 0.42
C SER B 208 -33.26 13.40 1.90
N SER B 209 -32.66 12.55 2.74
CA SER B 209 -32.68 12.77 4.17
C SER B 209 -31.82 13.95 4.58
N ILE B 210 -30.86 14.36 3.75
CA ILE B 210 -30.06 15.54 4.07
C ILE B 210 -30.92 16.80 3.95
N PHE B 211 -31.63 16.93 2.83
CA PHE B 211 -32.44 18.12 2.61
C PHE B 211 -33.66 18.16 3.51
N ALA B 212 -34.12 17.00 3.98
CA ALA B 212 -35.29 16.94 4.84
C ALA B 212 -34.93 17.03 6.31
N ASN B 213 -33.66 17.08 6.65
CA ASN B 213 -33.33 17.22 8.05
C ASN B 213 -32.41 18.40 8.32
N THR B 214 -31.43 18.64 7.44
CA THR B 214 -30.44 19.68 7.67
C THR B 214 -30.81 21.00 7.00
N LEU B 215 -30.94 20.99 5.67
CA LEU B 215 -31.22 22.24 4.98
C LEU B 215 -32.69 22.64 5.05
N LYS B 216 -33.57 21.71 5.43
CA LYS B 216 -35.00 21.97 5.60
C LYS B 216 -35.67 22.42 4.30
N ILE B 217 -35.23 21.88 3.18
CA ILE B 217 -35.94 22.03 1.91
C ILE B 217 -36.63 20.71 1.61
N LYS B 218 -37.94 20.74 1.43
CA LYS B 218 -38.71 19.57 1.06
C LYS B 218 -39.03 19.49 -0.42
N SER B 219 -38.69 20.52 -1.19
CA SER B 219 -38.89 20.53 -2.64
C SER B 219 -37.60 20.89 -3.37
N PRO B 220 -36.63 19.98 -3.42
CA PRO B 220 -35.43 20.26 -4.21
C PRO B 220 -35.58 19.74 -5.62
N SER B 221 -34.52 19.86 -6.40
CA SER B 221 -34.46 19.26 -7.72
C SER B 221 -33.31 18.27 -7.78
N TYR B 222 -33.32 17.45 -8.84
CA TYR B 222 -32.15 16.61 -9.12
C TYR B 222 -30.94 17.46 -9.45
N ASP B 223 -31.14 18.54 -10.21
CA ASP B 223 -30.07 19.48 -10.48
C ASP B 223 -29.58 20.15 -9.21
N ASP B 224 -30.46 20.33 -8.22
CA ASP B 224 -30.01 20.74 -6.91
C ASP B 224 -29.31 19.59 -6.20
N LEU B 225 -29.77 18.36 -6.44
CA LEU B 225 -29.23 17.23 -5.71
C LEU B 225 -27.89 16.79 -6.27
N ASN B 226 -27.75 16.79 -7.59
CA ASN B 226 -26.44 16.51 -8.17
C ASN B 226 -25.44 17.62 -7.86
N HIS B 227 -25.91 18.83 -7.54
CA HIS B 227 -25.01 19.88 -7.11
C HIS B 227 -24.33 19.56 -5.80
N LEU B 228 -24.96 18.74 -4.97
CA LEU B 228 -24.36 18.43 -3.68
C LEU B 228 -23.28 17.38 -3.78
N VAL B 229 -23.40 16.40 -4.69
CA VAL B 229 -22.38 15.37 -4.72
C VAL B 229 -21.08 15.90 -5.28
N SER B 230 -21.14 16.99 -6.05
CA SER B 230 -19.94 17.62 -6.57
C SER B 230 -19.09 18.29 -5.50
N ALA B 231 -19.54 18.34 -4.25
CA ALA B 231 -18.63 18.60 -3.15
C ALA B 231 -17.58 17.49 -3.06
N VAL B 232 -18.02 16.25 -2.85
CA VAL B 232 -17.07 15.18 -2.62
C VAL B 232 -16.36 14.78 -3.90
N MET B 233 -16.94 15.08 -5.06
CA MET B 233 -16.20 15.01 -6.31
C MET B 233 -14.99 15.93 -6.28
N ALA B 234 -15.21 17.18 -5.88
CA ALA B 234 -14.07 18.06 -5.63
C ALA B 234 -13.35 17.67 -4.37
N GLY B 235 -14.04 17.00 -3.44
CA GLY B 235 -13.45 16.70 -2.16
C GLY B 235 -12.35 15.68 -2.20
N VAL B 236 -12.36 14.80 -3.19
CA VAL B 236 -11.31 13.79 -3.29
C VAL B 236 -10.02 14.41 -3.75
N THR B 237 -10.03 15.09 -4.89
CA THR B 237 -8.84 15.72 -5.40
C THR B 237 -8.64 17.14 -4.87
N THR B 238 -9.27 17.47 -3.75
CA THR B 238 -8.98 18.73 -3.08
C THR B 238 -7.55 18.75 -2.56
N SER B 239 -7.10 17.63 -2.03
CA SER B 239 -5.76 17.54 -1.45
C SER B 239 -4.67 17.66 -2.49
N PHE B 240 -4.99 17.46 -3.77
CA PHE B 240 -3.96 17.50 -4.80
C PHE B 240 -3.94 18.80 -5.58
N ARG B 241 -5.08 19.41 -5.85
CA ARG B 241 -5.15 20.52 -6.79
C ARG B 241 -4.69 21.85 -6.21
N PHE B 242 -4.05 21.86 -5.06
CA PHE B 242 -3.64 23.10 -4.42
C PHE B 242 -2.36 22.82 -3.64
N PRO B 243 -1.66 23.86 -3.20
CA PRO B 243 -0.59 23.62 -2.24
C PRO B 243 -1.11 23.07 -0.93
N GLY B 244 -0.82 21.81 -0.66
CA GLY B 244 -1.30 21.14 0.52
C GLY B 244 -0.27 21.09 1.62
N GLU B 245 -0.44 20.15 2.55
CA GLU B 245 0.55 19.97 3.59
C GLU B 245 0.93 18.51 3.77
N LEU B 246 0.04 17.58 3.46
CA LEU B 246 0.35 16.16 3.55
C LEU B 246 -0.63 15.33 2.75
N ASN B 247 -0.14 14.15 2.33
CA ASN B 247 -0.96 12.98 1.97
C ASN B 247 -1.89 13.28 0.81
N SER B 248 -1.32 13.82 -0.24
CA SER B 248 -2.06 14.66 -1.15
C SER B 248 -2.69 13.90 -2.31
N ASP B 249 -2.43 12.60 -2.44
CA ASP B 249 -2.68 11.89 -3.69
C ASP B 249 -4.00 11.11 -3.64
N LEU B 250 -4.54 10.85 -4.84
CA LEU B 250 -5.59 9.86 -4.99
C LEU B 250 -5.09 8.46 -4.71
N ARG B 251 -3.81 8.18 -4.99
CA ARG B 251 -3.30 6.85 -4.70
C ARG B 251 -3.06 6.64 -3.22
N LYS B 252 -2.62 7.69 -2.51
CA LYS B 252 -2.37 7.58 -1.07
C LYS B 252 -3.64 7.30 -0.29
N LEU B 253 -4.81 7.57 -0.86
CA LEU B 253 -6.04 7.07 -0.27
C LEU B 253 -6.16 5.56 -0.45
N ALA B 254 -6.17 5.11 -1.71
CA ALA B 254 -6.59 3.75 -1.99
C ALA B 254 -5.54 2.71 -1.62
N VAL B 255 -4.29 3.11 -1.37
CA VAL B 255 -3.32 2.14 -0.90
C VAL B 255 -3.54 1.78 0.55
N ASN B 256 -4.30 2.58 1.30
CA ASN B 256 -4.54 2.22 2.68
C ASN B 256 -5.97 2.49 3.11
N MET B 257 -6.88 2.65 2.18
CA MET B 257 -8.28 2.52 2.48
C MET B 257 -8.82 1.15 2.15
N VAL B 258 -8.02 0.31 1.50
CA VAL B 258 -8.45 -1.00 1.04
C VAL B 258 -7.59 -2.07 1.74
N PRO B 259 -8.13 -2.79 2.70
CA PRO B 259 -7.33 -3.79 3.39
C PRO B 259 -7.12 -5.07 2.60
N PHE B 260 -8.12 -5.49 1.85
CA PHE B 260 -8.00 -6.71 1.07
C PHE B 260 -8.50 -6.42 -0.33
N PRO B 261 -7.93 -7.01 -1.36
CA PRO B 261 -8.34 -6.67 -2.72
C PRO B 261 -9.64 -7.35 -3.13
N ARG B 262 -10.67 -7.27 -2.31
CA ARG B 262 -11.98 -7.74 -2.69
C ARG B 262 -13.05 -6.69 -2.36
N LEU B 263 -12.90 -6.00 -1.23
CA LEU B 263 -14.06 -5.28 -0.71
C LEU B 263 -14.26 -3.95 -1.42
N HIS B 264 -13.27 -3.06 -1.40
CA HIS B 264 -13.18 -1.85 -2.20
C HIS B 264 -14.31 -0.85 -2.06
N PHE B 265 -15.23 -0.99 -1.11
CA PHE B 265 -16.38 -0.08 -1.17
C PHE B 265 -16.34 0.92 -0.04
N PHE B 266 -17.07 2.01 -0.22
CA PHE B 266 -16.88 3.15 0.66
C PHE B 266 -18.20 3.83 0.96
N MET B 267 -18.15 4.70 1.96
CA MET B 267 -19.26 5.54 2.38
C MET B 267 -18.76 6.97 2.40
N VAL B 268 -19.65 7.90 2.07
CA VAL B 268 -19.27 9.28 1.80
C VAL B 268 -20.02 10.18 2.78
N GLY B 269 -19.30 11.12 3.39
CA GLY B 269 -19.92 12.15 4.20
C GLY B 269 -19.36 13.52 3.85
N PHE B 270 -20.10 14.54 4.25
CA PHE B 270 -19.66 15.91 3.99
C PHE B 270 -20.08 16.80 5.14
N ALA B 271 -19.28 17.83 5.39
CA ALA B 271 -19.48 18.79 6.47
C ALA B 271 -18.63 20.01 6.19
N PRO B 272 -19.08 21.22 6.58
CA PRO B 272 -20.37 21.57 7.18
C PRO B 272 -21.40 21.83 6.13
N LEU B 273 -22.66 21.86 6.54
CA LEU B 273 -23.75 22.29 5.67
C LEU B 273 -24.92 22.68 6.55
N ALA B 274 -25.50 23.85 6.28
CA ALA B 274 -26.60 24.32 7.09
C ALA B 274 -27.41 25.31 6.26
N ALA B 275 -28.69 25.42 6.59
CA ALA B 275 -29.56 26.37 5.91
C ALA B 275 -29.25 27.79 6.36
N ILE B 276 -29.91 28.75 5.72
CA ILE B 276 -29.66 30.14 6.03
C ILE B 276 -30.18 30.50 7.42
N GLY B 277 -31.17 29.76 7.92
CA GLY B 277 -31.59 29.94 9.30
C GLY B 277 -30.58 29.40 10.28
N SER B 278 -29.98 28.26 9.96
CA SER B 278 -28.93 27.68 10.78
C SER B 278 -27.55 28.20 10.42
N SER B 279 -27.47 29.23 9.57
CA SER B 279 -26.20 29.68 9.03
C SER B 279 -25.31 30.33 10.07
N SER B 280 -25.75 31.46 10.61
CA SER B 280 -24.88 32.23 11.48
C SER B 280 -24.76 31.61 12.86
N PHE B 281 -25.79 30.89 13.30
CA PHE B 281 -25.78 30.27 14.61
C PHE B 281 -24.83 29.09 14.69
N GLN B 282 -24.59 28.44 13.56
CA GLN B 282 -23.50 27.50 13.45
C GLN B 282 -22.19 28.23 13.66
N ALA B 283 -21.24 27.57 14.30
CA ALA B 283 -19.86 28.02 14.28
C ALA B 283 -19.04 27.03 13.48
N VAL B 284 -17.85 27.46 13.07
CA VAL B 284 -17.04 26.63 12.20
C VAL B 284 -15.77 26.24 12.93
N SER B 285 -15.80 25.11 13.62
CA SER B 285 -14.67 24.67 14.41
C SER B 285 -14.32 23.24 14.03
N VAL B 286 -13.05 22.91 14.16
CA VAL B 286 -12.54 21.61 13.73
C VAL B 286 -13.09 20.50 14.63
N PRO B 287 -13.18 20.64 15.96
CA PRO B 287 -14.01 19.68 16.69
C PRO B 287 -15.48 19.74 16.35
N GLU B 288 -15.97 20.90 15.93
CA GLU B 288 -17.39 21.01 15.63
C GLU B 288 -17.72 20.35 14.30
N LEU B 289 -16.76 20.28 13.39
CA LEU B 289 -17.01 19.61 12.12
C LEU B 289 -17.09 18.11 12.29
N THR B 290 -16.16 17.55 13.05
CA THR B 290 -15.99 16.10 13.10
C THR B 290 -17.17 15.41 13.77
N GLN B 291 -17.88 16.10 14.64
CA GLN B 291 -19.05 15.50 15.25
C GLN B 291 -20.18 15.37 14.23
N GLN B 292 -20.20 16.24 13.23
CA GLN B 292 -21.15 16.07 12.13
C GLN B 292 -20.78 14.86 11.29
N MET B 293 -19.49 14.63 11.05
CA MET B 293 -19.07 13.62 10.09
C MET B 293 -19.29 12.19 10.54
N PHE B 294 -19.67 11.96 11.79
CA PHE B 294 -19.91 10.61 12.25
C PHE B 294 -21.38 10.37 12.59
N ASP B 295 -22.26 11.22 12.09
CA ASP B 295 -23.68 11.04 12.28
C ASP B 295 -24.24 10.22 11.13
N ALA B 296 -25.26 9.41 11.43
CA ALA B 296 -26.00 8.71 10.39
C ALA B 296 -26.88 9.64 9.58
N ASN B 297 -27.07 10.88 10.03
CA ASN B 297 -27.79 11.89 9.29
C ASN B 297 -26.87 12.73 8.40
N ASN B 298 -25.70 12.20 8.05
CA ASN B 298 -24.81 12.91 7.14
C ASN B 298 -24.15 11.97 6.14
N MET B 299 -24.68 10.77 5.97
CA MET B 299 -24.09 9.82 5.04
C MET B 299 -24.87 9.80 3.73
N MET B 300 -24.22 9.28 2.70
CA MET B 300 -24.81 9.24 1.38
C MET B 300 -25.36 7.86 1.05
N VAL B 301 -25.32 6.91 1.97
CA VAL B 301 -25.93 5.60 1.82
C VAL B 301 -26.72 5.31 3.08
N ALA B 302 -27.98 4.89 2.92
CA ALA B 302 -28.93 4.80 4.02
C ALA B 302 -28.60 3.72 5.04
N ALA B 303 -27.53 2.95 4.89
CA ALA B 303 -27.15 2.00 5.91
C ALA B 303 -26.63 2.72 7.15
N ASP B 304 -26.98 2.21 8.32
CA ASP B 304 -26.61 2.84 9.57
C ASP B 304 -25.15 2.54 9.88
N PRO B 305 -24.28 3.55 9.92
CA PRO B 305 -22.89 3.27 10.30
C PRO B 305 -22.72 2.87 11.75
N ARG B 306 -23.63 3.33 12.62
CA ARG B 306 -23.64 2.87 14.01
C ARG B 306 -23.93 1.39 14.10
N HIS B 307 -24.70 0.87 13.15
CA HIS B 307 -25.00 -0.55 13.13
C HIS B 307 -23.77 -1.38 12.80
N GLY B 308 -22.80 -0.80 12.08
CA GLY B 308 -21.59 -1.49 11.69
C GLY B 308 -20.36 -0.98 12.40
N ARG B 309 -19.21 -1.42 11.90
CA ARG B 309 -17.91 -1.00 12.41
C ARG B 309 -17.10 -0.37 11.28
N TYR B 310 -16.37 0.68 11.62
CA TYR B 310 -15.53 1.36 10.66
C TYR B 310 -14.22 0.60 10.47
N LEU B 311 -13.98 0.09 9.27
CA LEU B 311 -12.67 -0.44 8.95
C LEU B 311 -11.64 0.67 8.80
N THR B 312 -11.86 1.60 7.87
CA THR B 312 -10.90 2.67 7.61
C THR B 312 -11.63 3.99 7.42
N VAL B 313 -10.98 5.07 7.85
CA VAL B 313 -11.51 6.43 7.75
C VAL B 313 -10.41 7.33 7.22
N ALA B 314 -10.68 8.02 6.12
CA ALA B 314 -9.80 9.05 5.59
C ALA B 314 -10.51 10.39 5.65
N ALA B 315 -9.94 11.32 6.39
CA ALA B 315 -10.46 12.68 6.48
C ALA B 315 -9.69 13.57 5.53
N LEU B 316 -10.41 14.33 4.71
CA LEU B 316 -9.80 15.22 3.75
C LEU B 316 -10.40 16.60 3.96
N PHE B 317 -9.57 17.56 4.36
CA PHE B 317 -10.08 18.84 4.84
C PHE B 317 -9.65 19.94 3.90
N ARG B 318 -10.59 20.80 3.53
CA ARG B 318 -10.30 21.97 2.71
C ARG B 318 -10.38 23.21 3.60
N GLY B 319 -9.29 23.98 3.63
CA GLY B 319 -9.31 25.22 4.38
C GLY B 319 -8.10 25.50 5.23
N LYS B 320 -8.33 26.00 6.44
CA LYS B 320 -7.29 26.37 7.38
C LYS B 320 -7.46 25.51 8.63
N VAL B 321 -6.61 24.51 8.78
CA VAL B 321 -6.73 23.53 9.86
C VAL B 321 -5.39 22.88 10.09
N SER B 322 -4.98 22.79 11.36
CA SER B 322 -3.71 22.15 11.68
C SER B 322 -3.96 20.77 12.24
N MET B 323 -2.90 20.14 12.73
CA MET B 323 -2.85 18.70 12.94
C MET B 323 -3.73 18.19 14.07
N LYS B 324 -3.43 18.56 15.31
CA LYS B 324 -4.07 17.92 16.44
C LYS B 324 -5.40 18.57 16.79
N GLU B 325 -5.70 19.72 16.14
CA GLU B 325 -7.07 20.21 16.05
C GLU B 325 -8.01 19.12 15.59
N VAL B 326 -7.57 18.35 14.58
CA VAL B 326 -8.35 17.23 14.09
C VAL B 326 -8.44 16.15 15.14
N ASP B 327 -7.29 15.74 15.66
CA ASP B 327 -7.20 14.43 16.28
C ASP B 327 -7.71 14.44 17.70
N GLU B 328 -7.56 15.57 18.40
CA GLU B 328 -7.92 15.63 19.81
C GLU B 328 -9.43 15.47 20.01
N GLN B 329 -10.24 15.90 19.05
CA GLN B 329 -11.65 15.59 19.13
C GLN B 329 -11.91 14.13 18.76
N ILE B 330 -11.13 13.59 17.83
CA ILE B 330 -11.26 12.19 17.45
C ILE B 330 -10.78 11.28 18.58
N ARG B 331 -9.89 11.78 19.45
CA ARG B 331 -9.54 11.07 20.68
C ARG B 331 -10.77 10.77 21.52
N SER B 332 -11.62 11.79 21.74
CA SER B 332 -12.85 11.57 22.48
C SER B 332 -13.85 10.74 21.67
N VAL B 333 -13.74 10.79 20.34
CA VAL B 333 -14.60 9.96 19.51
C VAL B 333 -14.22 8.50 19.67
N GLN B 334 -12.93 8.19 19.61
CA GLN B 334 -12.51 6.80 19.75
C GLN B 334 -12.54 6.30 21.19
N THR B 335 -12.95 7.13 22.14
CA THR B 335 -13.36 6.61 23.45
C THR B 335 -14.85 6.31 23.47
N LYS B 336 -15.67 7.23 22.98
CA LYS B 336 -17.12 7.05 23.00
C LYS B 336 -17.61 6.02 22.02
N ASN B 337 -16.76 5.55 21.12
CA ASN B 337 -17.20 4.69 20.03
C ASN B 337 -16.28 3.49 19.90
N SER B 338 -15.93 2.87 21.04
CA SER B 338 -15.08 1.68 21.03
C SER B 338 -15.79 0.47 20.43
N ALA B 339 -17.12 0.49 20.39
CA ALA B 339 -17.87 -0.50 19.63
C ALA B 339 -18.00 -0.11 18.17
N TYR B 340 -17.44 1.02 17.75
CA TYR B 340 -17.55 1.46 16.37
C TYR B 340 -16.23 1.39 15.61
N PHE B 341 -15.12 1.13 16.27
CA PHE B 341 -13.83 1.03 15.60
C PHE B 341 -13.29 -0.39 15.67
N VAL B 342 -12.72 -0.82 14.55
CA VAL B 342 -12.17 -2.16 14.41
C VAL B 342 -10.93 -2.29 15.30
N GLU B 343 -10.88 -3.36 16.08
CA GLU B 343 -9.79 -3.54 17.02
C GLU B 343 -8.57 -4.18 16.35
N TRP B 344 -8.77 -5.14 15.45
CA TRP B 344 -7.63 -5.83 14.87
C TRP B 344 -6.92 -4.99 13.81
N ILE B 345 -7.53 -3.91 13.33
CA ILE B 345 -6.79 -2.85 12.64
C ILE B 345 -6.76 -1.66 13.60
N PRO B 346 -5.74 -1.52 14.41
CA PRO B 346 -5.62 -0.32 15.24
C PRO B 346 -5.14 0.84 14.38
N ASP B 347 -5.40 2.05 14.91
CA ASP B 347 -5.00 3.32 14.30
C ASP B 347 -5.59 3.45 12.90
N ASN B 348 -6.92 3.52 12.87
CA ASN B 348 -7.71 3.41 11.66
C ASN B 348 -8.11 4.75 11.06
N VAL B 349 -7.37 5.81 11.32
CA VAL B 349 -7.77 7.16 10.93
C VAL B 349 -6.72 7.74 10.00
N LEU B 350 -7.14 8.08 8.78
CA LEU B 350 -6.28 8.83 7.87
C LEU B 350 -6.74 10.28 7.83
N LYS B 351 -5.79 11.19 7.70
CA LYS B 351 -6.11 12.60 7.64
C LYS B 351 -5.36 13.27 6.51
N ALA B 352 -5.96 14.31 5.95
CA ALA B 352 -5.41 15.00 4.79
C ALA B 352 -5.86 16.44 4.82
N VAL B 353 -4.89 17.35 4.73
CA VAL B 353 -5.14 18.77 4.93
C VAL B 353 -4.74 19.51 3.66
N CYS B 354 -5.68 20.27 3.11
CA CYS B 354 -5.42 21.17 2.00
C CYS B 354 -5.50 22.60 2.50
N SER B 355 -4.48 23.39 2.19
CA SER B 355 -4.29 24.69 2.82
C SER B 355 -4.90 25.83 2.03
N VAL B 356 -6.00 25.58 1.32
CA VAL B 356 -6.72 26.60 0.58
C VAL B 356 -8.18 26.57 1.03
N PRO B 357 -8.78 27.71 1.35
CA PRO B 357 -10.17 27.71 1.77
C PRO B 357 -11.11 27.47 0.60
N PRO B 358 -12.37 27.14 0.87
CA PRO B 358 -13.39 27.12 -0.19
C PRO B 358 -13.88 28.51 -0.49
N LYS B 359 -14.86 28.61 -1.38
CA LYS B 359 -15.54 29.88 -1.63
C LYS B 359 -16.75 30.00 -0.72
N ASP B 360 -16.92 31.19 -0.13
CA ASP B 360 -18.03 31.56 0.75
C ASP B 360 -18.11 30.65 1.99
N LEU B 361 -16.98 30.09 2.41
CA LEU B 361 -16.91 29.21 3.56
C LEU B 361 -15.59 29.47 4.27
N LYS B 362 -15.51 29.02 5.52
CA LYS B 362 -14.25 29.21 6.24
C LYS B 362 -13.45 27.92 6.31
N MET B 363 -14.11 26.79 6.61
CA MET B 363 -13.46 25.49 6.61
C MET B 363 -14.39 24.52 5.90
N SER B 364 -13.88 23.32 5.64
CA SER B 364 -14.69 22.27 5.05
C SER B 364 -14.07 20.92 5.36
N ALA B 365 -14.91 19.89 5.31
CA ALA B 365 -14.50 18.54 5.69
C ALA B 365 -15.11 17.54 4.72
N THR B 366 -14.27 16.88 3.94
CA THR B 366 -14.69 15.81 3.05
C THR B 366 -14.40 14.49 3.72
N PHE B 367 -15.41 13.64 3.79
CA PHE B 367 -15.31 12.39 4.53
C PHE B 367 -15.36 11.18 3.64
N ILE B 368 -14.46 10.24 3.90
CA ILE B 368 -14.48 8.92 3.29
C ILE B 368 -14.59 7.89 4.41
N GLY B 369 -15.56 7.01 4.31
CA GLY B 369 -15.73 5.98 5.30
C GLY B 369 -15.75 4.59 4.72
N ASN B 370 -15.52 3.58 5.55
CA ASN B 370 -15.54 2.19 5.12
C ASN B 370 -16.16 1.38 6.27
N SER B 371 -17.46 1.19 6.23
CA SER B 371 -18.15 0.54 7.33
C SER B 371 -18.15 -0.97 7.11
N THR B 372 -18.91 -1.66 7.93
CA THR B 372 -19.41 -2.99 7.59
C THR B 372 -20.92 -2.97 7.44
N SER B 373 -21.49 -1.78 7.32
CA SER B 373 -22.93 -1.65 7.15
C SER B 373 -23.35 -1.81 5.70
N ILE B 374 -22.41 -1.73 4.76
CA ILE B 374 -22.73 -1.69 3.35
C ILE B 374 -23.25 -3.03 2.85
N GLN B 375 -22.86 -4.13 3.52
CA GLN B 375 -23.39 -5.44 3.18
C GLN B 375 -24.88 -5.54 3.45
N GLU B 376 -25.40 -4.73 4.37
CA GLU B 376 -26.84 -4.78 4.66
C GLU B 376 -27.65 -4.26 3.49
N ILE B 377 -27.20 -3.17 2.86
CA ILE B 377 -27.80 -2.70 1.62
C ILE B 377 -27.67 -3.75 0.53
N PHE B 378 -26.55 -4.46 0.52
CA PHE B 378 -26.36 -5.52 -0.46
C PHE B 378 -27.24 -6.72 -0.13
N ARG B 379 -27.35 -7.06 1.15
CA ARG B 379 -28.33 -8.06 1.55
C ARG B 379 -29.75 -7.56 1.28
N ARG B 380 -29.98 -6.25 1.43
CA ARG B 380 -31.24 -5.67 0.99
C ARG B 380 -31.38 -5.76 -0.52
N LEU B 381 -30.29 -5.60 -1.25
CA LEU B 381 -30.35 -5.67 -2.70
C LEU B 381 -30.55 -7.10 -3.17
N GLY B 382 -29.87 -8.05 -2.53
CA GLY B 382 -30.05 -9.44 -2.90
C GLY B 382 -31.41 -10.00 -2.52
N ASP B 383 -31.99 -9.48 -1.44
CA ASP B 383 -33.34 -9.88 -1.08
C ASP B 383 -34.34 -9.34 -2.11
N GLN B 384 -34.10 -8.13 -2.61
CA GLN B 384 -34.84 -7.64 -3.77
C GLN B 384 -34.55 -8.48 -4.99
N PHE B 385 -33.34 -9.02 -5.10
CA PHE B 385 -33.00 -9.88 -6.22
C PHE B 385 -33.64 -11.25 -6.10
N SER B 386 -33.85 -11.71 -4.86
CA SER B 386 -34.19 -13.11 -4.64
C SER B 386 -35.60 -13.42 -5.12
N ALA B 387 -36.57 -12.61 -4.73
CA ALA B 387 -37.94 -12.83 -5.17
C ALA B 387 -38.13 -12.50 -6.64
N MET B 388 -37.25 -11.69 -7.22
CA MET B 388 -37.40 -11.32 -8.63
C MET B 388 -36.91 -12.44 -9.54
N PHE B 389 -36.04 -13.30 -9.07
CA PHE B 389 -35.42 -14.29 -9.93
C PHE B 389 -36.08 -15.65 -9.88
N ARG B 390 -36.62 -16.05 -8.73
CA ARG B 390 -37.19 -17.39 -8.58
C ARG B 390 -38.42 -17.57 -9.45
N ARG B 391 -39.14 -16.48 -9.71
CA ARG B 391 -40.26 -16.55 -10.62
C ARG B 391 -39.80 -16.44 -12.06
N LYS B 392 -38.57 -15.96 -12.27
CA LYS B 392 -37.98 -15.70 -13.58
C LYS B 392 -38.83 -14.74 -14.40
N ALA B 393 -39.43 -13.76 -13.73
CA ALA B 393 -40.12 -12.70 -14.43
C ALA B 393 -39.14 -11.57 -14.71
N PHE B 394 -39.53 -10.69 -15.64
CA PHE B 394 -38.66 -9.66 -16.22
C PHE B 394 -37.36 -10.27 -16.75
N LEU B 395 -37.48 -11.40 -17.44
CA LEU B 395 -36.33 -12.20 -17.80
C LEU B 395 -36.01 -12.16 -19.29
N HIS B 396 -37.01 -12.31 -20.16
CA HIS B 396 -36.71 -12.53 -21.56
C HIS B 396 -36.35 -11.26 -22.30
N TRP B 397 -36.34 -10.11 -21.63
CA TRP B 397 -35.75 -8.90 -22.19
C TRP B 397 -34.27 -8.82 -21.91
N TYR B 398 -33.70 -9.87 -21.32
CA TYR B 398 -32.25 -10.00 -21.17
C TYR B 398 -31.73 -11.15 -22.03
N THR B 399 -32.29 -12.34 -21.84
CA THR B 399 -31.91 -13.49 -22.65
C THR B 399 -32.31 -13.30 -24.10
N GLY B 400 -33.38 -12.55 -24.34
CA GLY B 400 -33.76 -12.19 -25.69
C GLY B 400 -32.75 -11.30 -26.37
N GLU B 401 -31.92 -10.60 -25.61
CA GLU B 401 -30.79 -9.95 -26.22
C GLU B 401 -29.58 -10.87 -26.29
N GLY B 402 -29.48 -11.85 -25.41
CA GLY B 402 -28.44 -12.84 -25.59
C GLY B 402 -27.53 -13.12 -24.42
N MET B 403 -27.97 -12.84 -23.19
CA MET B 403 -27.21 -13.21 -22.01
C MET B 403 -27.79 -14.48 -21.41
N ASP B 404 -26.90 -15.30 -20.84
CA ASP B 404 -27.26 -16.64 -20.39
C ASP B 404 -28.08 -16.58 -19.11
N GLU B 405 -28.94 -17.58 -18.95
CA GLU B 405 -29.81 -17.64 -17.78
C GLU B 405 -29.02 -17.94 -16.52
N MET B 406 -28.11 -18.92 -16.59
CA MET B 406 -27.34 -19.29 -15.40
C MET B 406 -26.24 -18.27 -15.09
N GLU B 407 -26.01 -17.30 -15.97
CA GLU B 407 -25.03 -16.27 -15.73
C GLU B 407 -25.43 -15.38 -14.56
N PHE B 408 -26.73 -15.27 -14.27
CA PHE B 408 -27.19 -14.51 -13.11
C PHE B 408 -26.76 -15.17 -11.82
N THR B 409 -26.88 -16.49 -11.74
CA THR B 409 -26.51 -17.24 -10.55
C THR B 409 -25.02 -17.13 -10.28
N GLU B 410 -24.22 -16.94 -11.32
CA GLU B 410 -22.82 -16.62 -11.12
C GLU B 410 -22.66 -15.26 -10.46
N ALA B 411 -23.48 -14.29 -10.86
CA ALA B 411 -23.35 -12.95 -10.31
C ALA B 411 -23.82 -12.91 -8.86
N GLU B 412 -24.90 -13.64 -8.55
CA GLU B 412 -25.38 -13.72 -7.18
C GLU B 412 -24.35 -14.40 -6.28
N SER B 413 -23.71 -15.46 -6.79
CA SER B 413 -22.65 -16.11 -6.04
C SER B 413 -21.46 -15.17 -5.85
N ASN B 414 -21.19 -14.34 -6.85
CA ASN B 414 -20.24 -13.25 -6.64
C ASN B 414 -20.79 -12.24 -5.66
N MET B 415 -22.10 -11.95 -5.76
CA MET B 415 -22.71 -10.94 -4.91
C MET B 415 -22.77 -11.42 -3.47
N ASN B 416 -23.13 -12.69 -3.26
CA ASN B 416 -23.26 -13.21 -1.91
C ASN B 416 -21.92 -13.28 -1.20
N ASP B 417 -20.87 -13.60 -1.95
CA ASP B 417 -19.54 -13.70 -1.35
C ASP B 417 -19.02 -12.34 -0.96
N LEU B 418 -19.40 -11.29 -1.70
CA LEU B 418 -19.01 -9.95 -1.32
C LEU B 418 -19.70 -9.53 -0.04
N VAL B 419 -20.94 -10.00 0.15
CA VAL B 419 -21.60 -9.82 1.43
C VAL B 419 -20.90 -10.63 2.49
N SER B 420 -20.50 -11.85 2.15
CA SER B 420 -20.05 -12.81 3.14
C SER B 420 -18.68 -12.53 3.71
N GLU B 421 -17.97 -11.49 3.28
CA GLU B 421 -16.71 -11.18 3.92
C GLU B 421 -16.85 -10.19 5.06
N TYR B 422 -17.96 -9.46 5.12
CA TYR B 422 -18.07 -8.42 6.12
C TYR B 422 -18.54 -8.93 7.47
N GLN B 423 -19.13 -10.11 7.55
CA GLN B 423 -19.60 -10.60 8.83
C GLN B 423 -18.48 -11.18 9.69
N GLN B 424 -17.29 -11.36 9.14
CA GLN B 424 -16.13 -11.59 10.00
C GLN B 424 -15.83 -10.37 10.85
N TYR B 425 -16.04 -9.19 10.29
CA TYR B 425 -15.41 -7.98 10.82
C TYR B 425 -16.39 -7.11 11.58
N GLN B 426 -17.69 -7.29 11.36
CA GLN B 426 -18.69 -6.58 12.16
C GLN B 426 -18.73 -7.14 13.58
N GLU B 427 -18.30 -8.39 13.78
CA GLU B 427 -18.14 -8.98 15.12
C GLU B 427 -16.78 -9.66 15.11
N ALA B 428 -15.74 -8.92 15.46
CA ALA B 428 -14.37 -9.38 15.25
C ALA B 428 -13.57 -9.29 16.54
N GLY B 429 -13.56 -10.38 17.31
CA GLY B 429 -12.55 -10.56 18.33
C GLY B 429 -11.80 -11.84 18.08
N ILE B 430 -10.53 -11.73 17.69
CA ILE B 430 -9.79 -12.89 17.21
C ILE B 430 -8.72 -13.32 18.21
N MET C 1 38.00 22.05 6.49
CA MET C 1 36.93 22.94 6.92
C MET C 1 35.93 22.21 7.78
N ARG C 2 36.16 20.91 7.99
CA ARG C 2 35.23 19.98 8.63
C ARG C 2 33.87 20.02 7.92
N GLU C 3 33.87 19.58 6.68
CA GLU C 3 32.79 19.85 5.76
C GLU C 3 31.67 18.81 5.87
N VAL C 4 30.44 19.26 5.60
CA VAL C 4 29.21 18.50 5.75
C VAL C 4 28.36 18.79 4.51
N ILE C 5 27.42 17.89 4.21
CA ILE C 5 26.50 18.08 3.09
C ILE C 5 25.11 17.66 3.56
N SER C 6 24.09 17.94 2.76
CA SER C 6 22.74 17.57 3.13
C SER C 6 22.05 16.84 1.99
N VAL C 7 21.21 15.87 2.33
CA VAL C 7 20.22 15.37 1.40
C VAL C 7 18.88 15.42 2.11
N HIS C 8 17.82 15.32 1.31
CA HIS C 8 16.46 15.45 1.82
C HIS C 8 15.59 14.58 0.94
N VAL C 9 14.86 13.65 1.55
CA VAL C 9 14.00 12.74 0.80
C VAL C 9 12.62 12.76 1.45
N GLY C 10 11.59 12.85 0.63
CA GLY C 10 10.23 12.95 1.12
C GLY C 10 9.88 14.36 1.57
N GLN C 11 8.60 14.56 1.87
CA GLN C 11 8.14 15.87 2.30
C GLN C 11 8.69 16.24 3.66
N ALA C 12 8.87 15.24 4.53
CA ALA C 12 9.59 15.47 5.77
C ALA C 12 11.01 15.93 5.50
N GLY C 13 11.64 15.40 4.46
CA GLY C 13 12.92 15.93 4.02
C GLY C 13 12.79 17.34 3.48
N VAL C 14 11.65 17.65 2.85
CA VAL C 14 11.45 18.99 2.33
C VAL C 14 11.13 19.97 3.45
N GLN C 15 10.11 19.66 4.26
CA GLN C 15 9.57 20.65 5.18
C GLN C 15 10.49 20.87 6.37
N ILE C 16 11.11 19.81 6.90
CA ILE C 16 12.15 20.03 7.90
C ILE C 16 13.34 20.69 7.24
N GLY C 17 13.67 20.26 6.03
CA GLY C 17 14.75 20.87 5.30
C GLY C 17 14.48 22.31 4.91
N ASN C 18 13.21 22.67 4.76
CA ASN C 18 12.90 24.07 4.52
C ASN C 18 13.18 24.90 5.77
N ALA C 19 12.96 24.32 6.94
CA ALA C 19 13.22 25.06 8.17
C ALA C 19 14.66 24.96 8.63
N CYS C 20 15.40 23.94 8.18
CA CYS C 20 16.80 23.86 8.52
C CYS C 20 17.60 24.98 7.88
N TRP C 21 17.44 25.14 6.56
CA TRP C 21 18.26 26.10 5.84
C TRP C 21 17.86 27.53 6.11
N GLU C 22 16.63 27.78 6.53
CA GLU C 22 16.24 29.12 6.95
C GLU C 22 16.97 29.54 8.22
N LEU C 23 16.99 28.64 9.20
CA LEU C 23 17.65 28.93 10.47
C LEU C 23 19.16 28.99 10.32
N TYR C 24 19.69 28.27 9.34
CA TYR C 24 21.13 28.35 9.08
C TYR C 24 21.53 29.72 8.58
N CYS C 25 20.77 30.25 7.61
CA CYS C 25 21.14 31.50 6.97
C CYS C 25 21.05 32.68 7.93
N LEU C 26 20.12 32.64 8.89
CA LEU C 26 20.10 33.69 9.87
C LEU C 26 21.24 33.56 10.87
N GLU C 27 21.76 32.36 11.05
CA GLU C 27 22.96 32.24 11.88
C GLU C 27 24.16 32.81 11.16
N HIS C 28 24.31 32.53 9.88
CA HIS C 28 25.42 33.06 9.12
C HIS C 28 25.07 34.36 8.42
N GLY C 29 23.92 34.95 8.75
CA GLY C 29 23.63 36.31 8.38
C GLY C 29 23.45 36.57 6.91
N ILE C 30 23.02 35.56 6.14
CA ILE C 30 22.87 35.70 4.71
C ILE C 30 21.39 35.61 4.35
N GLY C 31 20.98 36.38 3.35
CA GLY C 31 19.63 36.32 2.84
C GLY C 31 19.59 35.42 1.63
N PRO C 32 18.89 35.83 0.58
CA PRO C 32 18.99 35.12 -0.69
C PRO C 32 20.37 35.25 -1.31
N ASP C 33 20.87 36.48 -1.42
CA ASP C 33 22.23 36.70 -1.90
C ASP C 33 23.23 36.51 -0.76
N GLY C 34 23.17 37.38 0.23
CA GLY C 34 24.04 37.28 1.38
C GLY C 34 24.70 38.57 1.79
N PHE C 35 25.04 38.66 3.08
CA PHE C 35 25.79 39.73 3.72
C PHE C 35 25.21 41.12 3.53
N PRO C 36 24.11 41.47 4.20
CA PRO C 36 23.58 42.84 4.12
C PRO C 36 24.47 43.86 4.81
N ASN C 50 33.42 33.29 13.27
CA ASN C 50 32.41 34.01 12.50
C ASN C 50 32.85 34.30 11.07
N ASP C 51 34.16 34.35 10.86
CA ASP C 51 34.71 34.72 9.56
C ASP C 51 34.54 33.60 8.55
N GLY C 52 33.46 33.67 7.77
CA GLY C 52 33.19 32.67 6.77
C GLY C 52 32.62 31.40 7.37
N PHE C 53 33.45 30.35 7.41
CA PHE C 53 33.13 29.04 7.99
C PHE C 53 31.91 28.39 7.35
N GLY C 54 31.64 28.73 6.08
CA GLY C 54 30.43 28.25 5.44
C GLY C 54 30.56 26.80 5.02
N THR C 55 30.53 25.87 5.98
CA THR C 55 30.62 24.46 5.62
C THR C 55 29.32 23.95 5.05
N PHE C 56 28.20 24.57 5.43
CA PHE C 56 26.92 24.28 4.82
C PHE C 56 26.86 24.71 3.36
N PHE C 57 27.68 25.67 2.96
CA PHE C 57 27.48 26.38 1.71
C PHE C 57 28.65 26.20 0.77
N SER C 58 28.33 26.15 -0.51
CA SER C 58 29.34 26.19 -1.56
C SER C 58 29.53 27.64 -1.97
N GLU C 59 30.78 28.08 -2.03
CA GLU C 59 31.10 29.46 -2.34
C GLU C 59 31.26 29.61 -3.84
N THR C 60 30.44 30.47 -4.44
CA THR C 60 30.65 30.86 -5.82
C THR C 60 31.60 32.05 -5.87
N GLY C 61 31.96 32.44 -7.08
CA GLY C 61 32.89 33.54 -7.22
C GLY C 61 32.31 34.91 -7.01
N GLN C 62 31.03 35.02 -6.68
CA GLN C 62 30.43 36.35 -6.58
C GLN C 62 29.76 36.61 -5.24
N GLY C 63 29.12 35.62 -4.65
CA GLY C 63 28.45 35.85 -3.38
C GLY C 63 27.15 35.06 -3.20
N LYS C 64 26.59 34.55 -4.29
CA LYS C 64 25.40 33.72 -4.18
C LYS C 64 25.80 32.36 -3.62
N PHE C 65 25.83 32.24 -2.30
CA PHE C 65 26.29 31.01 -1.69
C PHE C 65 25.28 29.89 -1.90
N VAL C 66 25.75 28.80 -2.48
CA VAL C 66 24.88 27.66 -2.79
C VAL C 66 24.86 26.74 -1.58
N PRO C 67 23.69 26.47 -1.01
CA PRO C 67 23.62 25.49 0.07
C PRO C 67 23.88 24.09 -0.44
N ARG C 68 24.81 23.40 0.22
CA ARG C 68 25.20 22.07 -0.20
C ARG C 68 24.11 21.07 0.13
N SER C 69 23.17 20.91 -0.78
CA SER C 69 21.99 20.13 -0.46
C SER C 69 21.39 19.57 -1.73
N ILE C 70 20.48 18.63 -1.55
CA ILE C 70 19.69 18.07 -2.62
C ILE C 70 18.34 17.61 -2.08
N TYR C 71 17.26 18.18 -2.60
CA TYR C 71 15.93 17.72 -2.25
C TYR C 71 15.54 16.61 -3.21
N VAL C 72 14.96 15.55 -2.70
CA VAL C 72 14.45 14.48 -3.54
C VAL C 72 13.00 14.24 -3.17
N ASP C 73 12.10 14.48 -4.11
CA ASP C 73 10.72 14.10 -3.97
C ASP C 73 10.24 13.51 -5.28
N LEU C 74 9.36 12.54 -5.18
CA LEU C 74 8.86 11.90 -6.38
C LEU C 74 7.67 12.62 -6.98
N GLU C 75 7.06 13.54 -6.25
CA GLU C 75 5.84 14.21 -6.68
C GLU C 75 6.04 15.71 -6.69
N PRO C 76 6.00 16.35 -7.85
CA PRO C 76 6.35 17.78 -7.91
C PRO C 76 5.26 18.67 -7.34
N ASN C 77 5.04 18.59 -6.04
CA ASN C 77 4.07 19.46 -5.39
C ASN C 77 4.74 20.38 -4.40
N VAL C 78 5.48 19.85 -3.42
CA VAL C 78 6.11 20.71 -2.44
C VAL C 78 7.38 21.35 -2.98
N ILE C 79 7.96 20.79 -4.04
CA ILE C 79 9.17 21.37 -4.60
C ILE C 79 8.82 22.64 -5.36
N ASP C 80 7.62 22.70 -5.93
CA ASP C 80 7.14 23.93 -6.56
C ASP C 80 6.99 25.05 -5.54
N GLN C 81 6.68 24.72 -4.29
CA GLN C 81 6.54 25.73 -3.25
C GLN C 81 7.88 26.40 -2.96
N VAL C 82 8.96 25.61 -2.93
CA VAL C 82 10.28 26.18 -2.71
C VAL C 82 10.73 26.92 -3.95
N ARG C 83 10.44 26.39 -5.13
CA ARG C 83 10.83 27.04 -6.38
C ARG C 83 9.92 28.19 -6.76
N THR C 84 8.92 28.53 -5.95
CA THR C 84 8.15 29.75 -6.12
C THR C 84 8.13 30.66 -4.91
N GLY C 85 8.45 30.16 -3.72
CA GLY C 85 8.35 30.94 -2.52
C GLY C 85 9.49 31.91 -2.32
N PRO C 86 9.85 32.17 -1.07
CA PRO C 86 10.91 33.14 -0.79
C PRO C 86 12.30 32.55 -0.82
N TYR C 87 12.46 31.35 -1.37
CA TYR C 87 13.77 30.72 -1.42
C TYR C 87 14.09 30.12 -2.78
N LYS C 88 13.36 30.52 -3.81
CA LYS C 88 13.73 30.12 -5.16
C LYS C 88 15.00 30.79 -5.62
N ASP C 89 15.37 31.92 -5.01
CA ASP C 89 16.58 32.64 -5.38
C ASP C 89 17.76 32.23 -4.53
N LEU C 90 17.77 31.01 -4.05
CA LEU C 90 18.86 30.58 -3.19
C LEU C 90 19.54 29.31 -3.67
N PHE C 91 18.78 28.38 -4.23
CA PHE C 91 19.33 27.05 -4.43
C PHE C 91 19.88 26.89 -5.85
N HIS C 92 20.43 25.72 -6.09
CA HIS C 92 20.96 25.32 -7.39
C HIS C 92 19.90 24.48 -8.08
N PRO C 93 19.17 25.04 -9.05
CA PRO C 93 17.96 24.39 -9.55
C PRO C 93 18.20 23.10 -10.29
N GLU C 94 19.44 22.81 -10.67
CA GLU C 94 19.76 21.49 -11.16
C GLU C 94 19.88 20.49 -10.02
N GLN C 95 20.20 20.94 -8.81
CA GLN C 95 20.31 20.02 -7.70
C GLN C 95 18.95 19.59 -7.16
N MET C 96 17.94 20.46 -7.21
CA MET C 96 16.62 20.12 -6.69
C MET C 96 15.92 19.19 -7.67
N VAL C 97 16.23 17.92 -7.56
CA VAL C 97 15.68 16.92 -8.45
C VAL C 97 14.29 16.53 -7.98
N THR C 98 13.32 16.58 -8.89
CA THR C 98 12.00 16.06 -8.62
C THR C 98 11.81 14.76 -9.38
N GLY C 99 10.85 13.97 -8.92
CA GLY C 99 10.54 12.70 -9.55
C GLY C 99 9.43 12.85 -10.55
N LYS C 100 8.70 11.76 -10.77
CA LYS C 100 7.55 11.79 -11.66
C LYS C 100 6.27 11.38 -10.97
N GLU C 101 6.28 10.27 -10.24
CA GLU C 101 5.10 9.73 -9.58
C GLU C 101 5.50 9.25 -8.20
N ASP C 102 4.65 9.51 -7.21
CA ASP C 102 5.02 9.30 -5.83
C ASP C 102 5.03 7.82 -5.46
N ALA C 103 5.78 7.53 -4.40
CA ALA C 103 5.79 6.19 -3.83
C ALA C 103 4.42 5.83 -3.29
N SER C 104 3.75 6.80 -2.68
CA SER C 104 2.36 6.71 -2.24
C SER C 104 2.17 5.61 -1.20
N ASN C 105 2.89 5.76 -0.09
CA ASN C 105 2.80 4.92 1.10
C ASN C 105 3.05 3.45 0.81
N ASN C 106 3.83 3.17 -0.21
CA ASN C 106 4.14 1.82 -0.66
C ASN C 106 5.66 1.72 -0.66
N TYR C 107 6.18 1.02 0.35
CA TYR C 107 7.63 0.83 0.47
C TYR C 107 8.21 0.07 -0.70
N ALA C 108 7.43 -0.84 -1.28
CA ALA C 108 7.87 -1.53 -2.49
C ALA C 108 8.00 -0.56 -3.65
N ARG C 109 7.06 0.37 -3.78
CA ARG C 109 7.26 1.48 -4.70
C ARG C 109 8.35 2.40 -4.20
N GLY C 110 8.46 2.57 -2.89
CA GLY C 110 9.45 3.46 -2.33
C GLY C 110 10.85 2.94 -2.49
N HIS C 111 11.11 1.74 -1.99
CA HIS C 111 12.47 1.26 -1.96
C HIS C 111 12.92 0.70 -3.30
N TYR C 112 12.03 0.05 -4.05
CA TYR C 112 12.49 -0.67 -5.22
C TYR C 112 12.10 -0.04 -6.54
N THR C 113 10.80 0.13 -6.81
CA THR C 113 10.35 0.22 -8.20
C THR C 113 10.63 1.59 -8.82
N VAL C 114 9.98 2.64 -8.32
CA VAL C 114 10.16 3.94 -8.94
C VAL C 114 11.42 4.60 -8.42
N GLY C 115 11.96 4.13 -7.30
CA GLY C 115 13.20 4.68 -6.79
C GLY C 115 14.40 4.28 -7.61
N LYS C 116 14.38 3.08 -8.20
CA LYS C 116 15.46 2.65 -9.06
C LYS C 116 15.53 3.50 -10.31
N GLU C 117 14.38 3.93 -10.82
CA GLU C 117 14.36 4.80 -11.99
C GLU C 117 14.65 6.26 -11.64
N MET C 118 15.01 6.57 -10.40
CA MET C 118 15.32 7.93 -10.02
C MET C 118 16.58 8.08 -9.19
N ILE C 119 17.16 7.00 -8.67
CA ILE C 119 18.38 7.14 -7.89
C ILE C 119 19.56 7.54 -8.77
N ASP C 120 19.56 7.10 -10.02
CA ASP C 120 20.71 7.32 -10.88
C ASP C 120 20.68 8.67 -11.57
N SER C 121 19.78 9.57 -11.16
CA SER C 121 19.94 11.00 -11.38
C SER C 121 20.19 11.72 -10.07
N VAL C 122 20.35 10.98 -8.99
CA VAL C 122 20.57 11.54 -7.66
C VAL C 122 21.95 11.20 -7.14
N LEU C 123 22.35 9.94 -7.26
CA LEU C 123 23.61 9.48 -6.69
C LEU C 123 24.79 10.14 -7.38
N GLU C 124 24.72 10.32 -8.70
CA GLU C 124 25.77 11.03 -9.41
C GLU C 124 25.74 12.52 -9.09
N ARG C 125 24.56 13.06 -8.83
CA ARG C 125 24.43 14.46 -8.43
C ARG C 125 25.11 14.71 -7.09
N ILE C 126 25.11 13.70 -6.22
CA ILE C 126 25.87 13.77 -4.98
C ILE C 126 27.36 13.83 -5.29
N ARG C 127 27.81 13.07 -6.28
CA ARG C 127 29.24 12.86 -6.50
C ARG C 127 29.92 14.12 -6.99
N ARG C 128 29.22 14.91 -7.81
CA ARG C 128 29.75 16.22 -8.20
C ARG C 128 29.83 17.13 -6.98
N MET C 129 28.85 17.05 -6.09
CA MET C 129 28.95 17.80 -4.84
C MET C 129 29.88 17.12 -3.85
N ALA C 130 30.19 15.84 -4.05
CA ALA C 130 31.15 15.19 -3.18
C ALA C 130 32.57 15.44 -3.62
N ASP C 131 32.81 15.52 -4.92
CA ASP C 131 34.14 15.79 -5.42
C ASP C 131 34.53 17.26 -5.31
N ASN C 132 33.58 18.14 -5.01
CA ASN C 132 33.91 19.53 -4.71
C ASN C 132 34.28 19.74 -3.26
N CYS C 133 34.26 18.69 -2.45
CA CYS C 133 34.61 18.83 -1.05
C CYS C 133 36.11 19.00 -0.89
N SER C 134 36.50 19.81 0.07
CA SER C 134 37.90 19.82 0.48
C SER C 134 38.18 18.49 1.16
N GLY C 135 37.50 18.24 2.27
CA GLY C 135 37.51 16.95 2.90
C GLY C 135 36.18 16.74 3.59
N LEU C 136 35.46 15.69 3.21
CA LEU C 136 34.10 15.49 3.67
C LEU C 136 34.08 14.51 4.82
N GLN C 137 33.47 14.90 5.93
CA GLN C 137 33.41 14.02 7.08
C GLN C 137 32.23 13.05 6.98
N GLY C 138 31.03 13.58 6.99
CA GLY C 138 29.83 12.78 7.03
C GLY C 138 28.64 13.70 6.99
N PHE C 139 27.46 13.10 6.85
CA PHE C 139 26.29 13.91 6.55
C PHE C 139 25.01 13.20 6.95
N LEU C 140 23.90 13.75 6.51
CA LEU C 140 22.61 13.59 7.18
C LEU C 140 21.48 13.39 6.18
N VAL C 141 20.65 12.37 6.44
CA VAL C 141 19.60 11.93 5.52
C VAL C 141 18.32 11.85 6.34
N PHE C 142 17.56 12.93 6.43
CA PHE C 142 16.38 12.87 7.29
C PHE C 142 15.08 13.01 6.53
N HIS C 143 14.09 12.24 6.99
CA HIS C 143 12.87 11.94 6.27
C HIS C 143 11.82 11.48 7.28
N SER C 144 10.77 10.86 6.78
CA SER C 144 9.75 10.26 7.63
C SER C 144 9.73 8.75 7.49
N PHE C 145 9.30 8.08 8.54
CA PHE C 145 9.04 6.65 8.43
C PHE C 145 7.63 6.39 7.91
N GLY C 146 6.69 7.28 8.23
CA GLY C 146 5.29 6.96 7.97
C GLY C 146 4.91 7.04 6.51
N GLY C 147 5.40 8.05 5.80
CA GLY C 147 4.97 8.29 4.45
C GLY C 147 5.56 7.31 3.45
N GLY C 148 5.38 7.65 2.18
CA GLY C 148 5.90 6.83 1.11
C GLY C 148 7.37 6.99 0.80
N THR C 149 7.74 8.17 0.31
CA THR C 149 9.01 8.28 -0.40
C THR C 149 10.20 8.27 0.56
N GLY C 150 10.12 9.08 1.62
CA GLY C 150 11.21 9.14 2.57
C GLY C 150 11.42 7.86 3.34
N SER C 151 10.35 7.06 3.49
CA SER C 151 10.52 5.74 4.06
C SER C 151 11.25 4.81 3.10
N GLY C 152 10.90 4.88 1.82
CA GLY C 152 11.40 3.92 0.88
C GLY C 152 12.64 4.33 0.12
N LEU C 153 12.62 5.52 -0.48
CA LEU C 153 13.76 5.96 -1.27
C LEU C 153 14.94 6.26 -0.37
N GLY C 154 14.68 6.77 0.83
CA GLY C 154 15.77 7.00 1.78
C GLY C 154 16.38 5.70 2.27
N ALA C 155 15.60 4.63 2.28
CA ALA C 155 16.14 3.33 2.64
C ALA C 155 17.14 2.84 1.61
N LEU C 156 16.83 3.01 0.32
CA LEU C 156 17.81 2.70 -0.70
C LEU C 156 18.92 3.76 -0.73
N LEU C 157 18.63 4.98 -0.29
CA LEU C 157 19.60 6.06 -0.43
C LEU C 157 20.80 5.86 0.49
N LEU C 158 20.65 5.14 1.60
CA LEU C 158 21.81 4.88 2.42
C LEU C 158 22.62 3.68 1.92
N GLU C 159 21.94 2.59 1.56
CA GLU C 159 22.68 1.41 1.16
C GLU C 159 23.33 1.57 -0.21
N ARG C 160 22.85 2.50 -1.03
CA ARG C 160 23.56 2.87 -2.25
C ARG C 160 24.53 3.99 -2.01
N LEU C 161 24.75 4.36 -0.76
CA LEU C 161 25.76 5.34 -0.41
C LEU C 161 26.84 4.74 0.48
N ASN C 162 26.45 4.01 1.53
CA ASN C 162 27.43 3.39 2.41
C ASN C 162 28.20 2.29 1.70
N MET C 163 27.63 1.72 0.65
CA MET C 163 28.40 0.87 -0.25
C MET C 163 29.54 1.65 -0.90
N GLU C 164 29.26 2.88 -1.33
CA GLU C 164 30.29 3.64 -2.02
C GLU C 164 31.28 4.28 -1.05
N TYR C 165 30.81 5.17 -0.19
CA TYR C 165 31.74 6.06 0.45
C TYR C 165 32.37 5.47 1.70
N GLY C 166 31.97 4.27 2.10
CA GLY C 166 32.71 3.48 3.06
C GLY C 166 32.86 4.07 4.45
N LYS C 167 34.06 4.55 4.75
CA LYS C 167 34.45 4.97 6.10
C LYS C 167 33.95 6.36 6.47
N LYS C 168 33.11 6.97 5.66
CA LYS C 168 32.61 8.30 5.97
C LYS C 168 31.34 8.19 6.82
N SER C 169 31.09 9.22 7.61
CA SER C 169 30.05 9.17 8.63
C SER C 169 28.66 9.29 8.02
N ASN C 170 27.67 8.77 8.74
CA ASN C 170 26.29 8.80 8.27
C ASN C 170 25.38 9.06 9.45
N LEU C 171 24.62 10.14 9.39
CA LEU C 171 23.62 10.46 10.39
C LEU C 171 22.27 10.57 9.73
N GLN C 172 21.22 10.56 10.54
CA GLN C 172 19.86 10.73 10.03
C GLN C 172 18.95 11.14 11.17
N PHE C 173 18.04 12.08 10.87
CA PHE C 173 17.19 12.64 11.91
C PHE C 173 15.74 12.26 11.62
N SER C 174 15.51 11.00 11.23
CA SER C 174 14.24 10.62 10.66
C SER C 174 13.12 10.63 11.71
N VAL C 175 11.97 11.17 11.31
CA VAL C 175 10.86 11.40 12.23
C VAL C 175 9.97 10.15 12.28
N TYR C 176 9.42 9.89 13.46
CA TYR C 176 9.00 8.57 13.92
C TYR C 176 7.55 8.59 14.38
N PRO C 177 6.80 7.52 14.13
CA PRO C 177 5.37 7.53 14.46
C PRO C 177 5.08 6.98 15.86
N ALA C 178 3.86 7.24 16.30
CA ALA C 178 3.48 7.01 17.69
C ALA C 178 1.96 6.95 17.76
N PRO C 179 1.38 6.25 18.77
CA PRO C 179 -0.05 5.91 18.69
C PRO C 179 -1.03 7.03 18.93
N GLN C 180 -0.62 8.17 19.49
CA GLN C 180 -1.60 9.23 19.70
C GLN C 180 -1.98 9.90 18.39
N VAL C 181 -1.00 10.49 17.70
CA VAL C 181 -1.27 11.25 16.48
C VAL C 181 -0.69 10.47 15.30
N SER C 182 -1.54 10.22 14.31
CA SER C 182 -1.16 9.50 13.11
C SER C 182 -1.72 10.20 11.89
N THR C 183 -1.07 9.99 10.75
CA THR C 183 -1.50 10.58 9.50
C THR C 183 -1.96 9.51 8.52
N SER C 184 -1.09 8.55 8.23
CA SER C 184 -1.45 7.42 7.38
C SER C 184 -1.64 6.19 8.25
N VAL C 185 -2.11 5.11 7.63
CA VAL C 185 -2.43 3.93 8.42
C VAL C 185 -1.58 2.73 8.00
N VAL C 186 -0.56 2.94 7.18
CA VAL C 186 0.46 1.92 6.99
C VAL C 186 1.73 2.27 7.73
N GLU C 187 1.68 3.24 8.61
CA GLU C 187 2.77 3.67 9.46
C GLU C 187 3.42 2.56 10.28
N PRO C 188 2.72 1.49 10.71
CA PRO C 188 3.49 0.33 11.19
C PRO C 188 4.29 -0.37 10.12
N TYR C 189 3.77 -0.50 8.91
CA TYR C 189 4.51 -1.23 7.88
C TYR C 189 5.72 -0.45 7.40
N ASN C 190 5.54 0.83 7.06
CA ASN C 190 6.64 1.56 6.47
C ASN C 190 7.70 1.97 7.49
N SER C 191 7.47 1.75 8.77
CA SER C 191 8.53 1.97 9.74
C SER C 191 9.42 0.75 9.86
N VAL C 192 8.83 -0.42 10.11
CA VAL C 192 9.62 -1.60 10.37
C VAL C 192 10.20 -2.17 9.07
N LEU C 193 9.64 -1.83 7.92
CA LEU C 193 10.33 -2.16 6.68
C LEU C 193 11.49 -1.23 6.40
N THR C 194 11.54 -0.08 7.08
CA THR C 194 12.65 0.84 6.91
C THR C 194 13.80 0.49 7.84
N THR C 195 13.50 -0.09 9.00
CA THR C 195 14.51 -0.22 10.03
C THR C 195 15.51 -1.34 9.75
N HIS C 196 15.30 -2.16 8.73
CA HIS C 196 16.41 -2.99 8.26
C HIS C 196 17.46 -2.15 7.56
N ALA C 197 17.04 -1.16 6.79
CA ALA C 197 17.99 -0.32 6.09
C ALA C 197 18.77 0.55 7.08
N THR C 198 18.09 1.06 8.09
CA THR C 198 18.76 1.96 9.02
C THR C 198 19.65 1.23 10.02
N LEU C 199 19.54 -0.09 10.13
CA LEU C 199 20.30 -0.79 11.15
C LEU C 199 21.77 -0.88 10.76
N ASP C 200 22.05 -1.26 9.52
CA ASP C 200 23.40 -1.60 9.13
C ASP C 200 24.07 -0.51 8.29
N ASN C 201 23.31 0.46 7.80
CA ASN C 201 23.92 1.52 7.01
C ASN C 201 24.28 2.72 7.86
N SER C 202 23.34 3.20 8.67
CA SER C 202 23.54 4.42 9.42
C SER C 202 24.44 4.18 10.63
N ASP C 203 25.32 5.13 10.90
CA ASP C 203 26.07 5.09 12.14
C ASP C 203 25.17 5.38 13.33
N CYS C 204 24.15 6.21 13.13
CA CYS C 204 23.33 6.67 14.24
C CYS C 204 22.04 7.23 13.66
N THR C 205 21.01 7.32 14.51
CA THR C 205 19.81 8.01 14.10
C THR C 205 19.22 8.77 15.28
N PHE C 206 18.56 9.87 14.97
CA PHE C 206 17.91 10.70 15.98
C PHE C 206 16.42 10.68 15.68
N MET C 207 15.73 9.68 16.20
CA MET C 207 14.30 9.58 16.02
C MET C 207 13.58 10.63 16.85
N VAL C 208 12.47 11.12 16.32
CA VAL C 208 11.70 12.19 16.94
C VAL C 208 10.23 11.94 16.64
N ASP C 209 9.37 12.24 17.60
CA ASP C 209 7.93 12.05 17.45
C ASP C 209 7.30 13.31 16.87
N ASN C 210 6.12 13.14 16.28
CA ASN C 210 5.28 14.28 15.92
C ASN C 210 4.42 14.75 17.08
N GLU C 211 4.39 14.02 18.18
CA GLU C 211 3.45 14.29 19.26
C GLU C 211 4.12 15.04 20.40
N ALA C 212 5.25 14.52 20.88
CA ALA C 212 6.04 15.25 21.86
C ALA C 212 6.60 16.53 21.26
N CYS C 213 6.86 16.54 19.96
CA CYS C 213 7.14 17.79 19.28
C CYS C 213 5.94 18.71 19.29
N TYR C 214 4.73 18.15 19.25
CA TYR C 214 3.56 19.01 19.26
C TYR C 214 3.22 19.48 20.66
N ASP C 215 3.39 18.61 21.66
CA ASP C 215 2.89 18.90 22.99
C ASP C 215 3.66 20.02 23.67
N ILE C 216 4.94 20.18 23.34
CA ILE C 216 5.69 21.27 23.92
C ILE C 216 5.23 22.59 23.30
N CYS C 217 4.76 22.54 22.06
CA CYS C 217 4.16 23.72 21.46
C CYS C 217 2.77 24.02 22.01
N ARG C 218 2.13 23.07 22.68
CA ARG C 218 0.87 23.37 23.34
C ARG C 218 1.07 23.76 24.79
N ARG C 219 1.87 22.99 25.54
CA ARG C 219 2.06 23.29 26.95
C ARG C 219 3.09 24.38 27.18
N ASN C 220 4.34 24.11 26.82
CA ASN C 220 5.43 25.01 27.19
C ASN C 220 5.59 26.17 26.22
N LEU C 221 4.73 26.28 25.24
CA LEU C 221 4.66 27.50 24.44
C LEU C 221 3.33 28.20 24.54
N ASP C 222 2.30 27.54 25.07
CA ASP C 222 0.93 28.06 25.20
C ASP C 222 0.36 28.54 23.87
N ILE C 223 0.80 27.91 22.79
CA ILE C 223 0.22 28.14 21.48
C ILE C 223 -0.90 27.13 21.32
N GLU C 224 -2.11 27.64 21.06
CA GLU C 224 -3.31 26.83 21.16
C GLU C 224 -3.35 25.78 20.06
N ARG C 225 -3.15 26.20 18.82
CA ARG C 225 -3.28 25.31 17.66
C ARG C 225 -2.05 25.47 16.76
N PRO C 226 -0.94 24.83 17.10
CA PRO C 226 0.29 25.01 16.30
C PRO C 226 0.22 24.29 14.98
N THR C 227 0.93 24.85 14.00
CA THR C 227 1.03 24.31 12.66
C THR C 227 2.42 23.73 12.44
N TYR C 228 2.61 23.15 11.26
CA TYR C 228 3.81 22.37 10.98
C TYR C 228 5.07 23.20 10.93
N GLU C 229 4.99 24.44 10.48
CA GLU C 229 6.17 25.29 10.55
C GLU C 229 6.50 25.65 11.99
N ASN C 230 5.49 25.72 12.86
CA ASN C 230 5.77 25.83 14.28
C ASN C 230 6.27 24.51 14.86
N LEU C 231 5.95 23.39 14.23
CA LEU C 231 6.59 22.15 14.64
C LEU C 231 8.04 22.10 14.16
N ASN C 232 8.28 22.49 12.91
CA ASN C 232 9.59 22.28 12.30
C ASN C 232 10.65 23.19 12.88
N ARG C 233 10.28 24.42 13.26
CA ARG C 233 11.26 25.33 13.85
C ARG C 233 11.76 24.85 15.19
N LEU C 234 10.97 24.05 15.89
CA LEU C 234 11.52 23.30 17.01
C LEU C 234 12.49 22.24 16.53
N ILE C 235 12.19 21.59 15.41
CA ILE C 235 12.97 20.44 14.98
C ILE C 235 14.31 20.86 14.44
N ALA C 236 14.34 21.90 13.62
CA ALA C 236 15.59 22.33 13.01
C ALA C 236 16.54 22.98 14.00
N GLN C 237 16.08 23.35 15.18
CA GLN C 237 16.97 24.04 16.09
C GLN C 237 17.94 23.07 16.75
N VAL C 238 17.51 21.84 17.03
CA VAL C 238 18.46 20.85 17.55
C VAL C 238 19.39 20.38 16.44
N VAL C 239 18.97 20.57 15.19
CA VAL C 239 19.87 20.31 14.07
C VAL C 239 20.96 21.37 14.04
N SER C 240 20.58 22.63 14.28
CA SER C 240 21.58 23.70 14.34
C SER C 240 22.49 23.54 15.53
N SER C 241 21.99 22.96 16.61
CA SER C 241 22.75 22.89 17.84
C SER C 241 23.74 21.75 17.86
N ILE C 242 23.90 21.00 16.77
CA ILE C 242 24.89 19.93 16.69
C ILE C 242 25.99 20.28 15.72
N THR C 243 25.64 20.44 14.45
CA THR C 243 26.65 20.62 13.42
C THR C 243 27.23 22.02 13.46
N ALA C 244 26.39 23.03 13.22
CA ALA C 244 26.86 24.42 13.20
C ALA C 244 27.27 24.92 14.58
N SER C 245 26.98 24.15 15.64
CA SER C 245 27.54 24.43 16.96
C SER C 245 29.06 24.37 16.94
N LEU C 246 29.62 23.47 16.15
CA LEU C 246 31.07 23.50 15.96
C LEU C 246 31.49 24.69 15.13
N ARG C 247 30.61 25.20 14.30
CA ARG C 247 30.98 26.17 13.29
C ARG C 247 30.89 27.58 13.82
N PHE C 248 30.63 27.72 15.12
CA PHE C 248 30.95 28.92 15.86
C PHE C 248 32.10 28.59 16.79
N ALA C 249 33.01 29.55 16.97
CA ALA C 249 34.17 29.31 17.81
C ALA C 249 33.74 29.30 19.26
N GLY C 250 33.97 28.19 19.96
CA GLY C 250 33.53 28.01 21.32
C GLY C 250 34.66 27.61 22.24
N SER C 251 34.33 27.55 23.54
CA SER C 251 35.32 27.21 24.55
C SER C 251 35.71 25.74 24.47
N LEU C 252 34.79 24.87 24.09
CA LEU C 252 35.05 23.46 23.89
C LEU C 252 34.74 23.10 22.45
N ASN C 253 34.79 21.79 22.15
CA ASN C 253 34.50 21.29 20.82
C ASN C 253 33.91 19.90 20.94
N VAL C 254 32.78 19.68 20.28
CA VAL C 254 32.11 18.37 20.28
C VAL C 254 31.96 17.94 18.84
N ASP C 255 32.83 17.05 18.38
CA ASP C 255 32.93 16.81 16.95
C ASP C 255 31.92 15.75 16.50
N LEU C 256 31.69 15.71 15.18
CA LEU C 256 30.82 14.70 14.58
C LEU C 256 31.37 13.30 14.77
N ASN C 257 32.69 13.15 14.89
CA ASN C 257 33.24 11.87 15.28
C ASN C 257 32.89 11.56 16.73
N GLU C 258 32.74 12.58 17.57
CA GLU C 258 32.65 12.34 19.00
C GLU C 258 31.30 11.78 19.41
N PHE C 259 30.22 12.16 18.72
CA PHE C 259 28.93 11.51 18.92
C PHE C 259 29.01 10.04 18.60
N GLN C 260 29.80 9.70 17.59
CA GLN C 260 30.08 8.33 17.25
C GLN C 260 31.10 7.70 18.18
N THR C 261 31.47 8.35 19.28
CA THR C 261 32.20 7.71 20.37
C THR C 261 31.49 7.84 21.70
N ASN C 262 30.94 9.00 21.99
CA ASN C 262 30.42 9.21 23.33
C ASN C 262 29.02 8.68 23.51
N LEU C 263 28.39 8.20 22.44
CA LEU C 263 27.00 7.78 22.51
C LEU C 263 26.76 6.37 22.02
N VAL C 264 27.78 5.64 21.60
CA VAL C 264 27.56 4.31 21.05
C VAL C 264 28.56 3.32 21.65
N PRO C 265 28.16 2.58 22.68
CA PRO C 265 29.00 1.47 23.12
C PRO C 265 29.13 0.36 22.09
N TYR C 266 28.02 -0.02 21.48
CA TYR C 266 27.94 -1.18 20.61
C TYR C 266 27.42 -0.74 19.25
N PRO C 267 27.64 -1.53 18.19
CA PRO C 267 27.18 -1.10 16.87
C PRO C 267 25.68 -1.17 16.66
N ARG C 268 24.90 -1.62 17.64
CA ARG C 268 23.46 -1.75 17.48
C ARG C 268 22.67 -0.84 18.38
N ILE C 269 23.31 -0.07 19.25
CA ILE C 269 22.61 0.55 20.37
C ILE C 269 22.40 2.02 20.05
N HIS C 270 22.62 2.37 18.78
CA HIS C 270 22.75 3.75 18.35
C HIS C 270 21.45 4.52 18.15
N PHE C 271 20.54 4.53 19.13
CA PHE C 271 19.29 5.26 19.02
C PHE C 271 19.16 6.26 20.16
N PRO C 272 19.84 7.41 20.10
CA PRO C 272 19.67 8.40 21.17
C PRO C 272 18.33 9.10 21.07
N LEU C 273 17.99 9.84 22.12
CA LEU C 273 16.87 10.77 22.09
C LEU C 273 17.39 12.18 22.01
N VAL C 274 16.46 13.11 21.77
CA VAL C 274 16.76 14.53 21.67
C VAL C 274 15.96 15.23 22.74
N THR C 275 16.57 16.22 23.39
CA THR C 275 15.87 17.05 24.35
C THR C 275 16.43 18.46 24.27
N TYR C 276 15.57 19.45 24.07
CA TYR C 276 16.00 20.82 23.90
C TYR C 276 15.48 21.67 25.06
N SER C 277 16.28 22.66 25.45
CA SER C 277 15.98 23.51 26.60
C SER C 277 16.85 24.75 26.57
N PRO C 278 16.33 25.92 26.98
CA PRO C 278 14.97 26.20 27.42
C PRO C 278 14.03 26.51 26.27
N ILE C 279 12.87 25.88 26.28
CA ILE C 279 11.82 26.26 25.34
C ILE C 279 10.69 26.94 26.11
N VAL C 280 10.76 28.26 26.18
CA VAL C 280 9.88 29.06 27.00
C VAL C 280 9.27 30.11 26.09
N SER C 281 7.96 30.34 26.22
CA SER C 281 7.24 31.21 25.31
C SER C 281 7.52 32.68 25.62
N ALA C 282 6.74 33.56 25.00
CA ALA C 282 7.08 34.98 24.97
C ALA C 282 6.88 35.64 26.32
N ALA C 283 5.73 35.44 26.93
CA ALA C 283 5.41 36.13 28.17
C ALA C 283 5.89 35.38 29.42
N LYS C 284 6.74 34.36 29.27
CA LYS C 284 7.11 33.56 30.42
C LYS C 284 8.61 33.58 30.72
N ALA C 285 9.46 33.78 29.73
CA ALA C 285 10.88 33.97 30.02
C ALA C 285 11.10 35.33 30.66
N PHE C 286 10.49 36.34 30.08
CA PHE C 286 10.10 37.51 30.82
C PHE C 286 9.24 37.05 32.00
N HIS C 287 9.70 37.38 33.22
CA HIS C 287 9.41 36.81 34.55
C HIS C 287 10.08 35.47 34.80
N GLU C 288 11.30 35.26 34.30
CA GLU C 288 12.03 34.04 34.62
C GLU C 288 13.51 34.34 34.48
N SER C 289 14.33 33.69 35.29
CA SER C 289 15.77 33.72 35.11
C SER C 289 16.22 32.54 34.25
N ASN C 290 17.53 32.42 34.05
CA ASN C 290 18.09 31.27 33.34
C ASN C 290 19.42 30.94 33.98
N SER C 291 19.43 29.93 34.84
CA SER C 291 20.69 29.45 35.37
C SER C 291 21.23 28.39 34.45
N VAL C 292 22.47 27.97 34.71
CA VAL C 292 22.94 26.76 34.08
C VAL C 292 22.20 25.57 34.67
N GLN C 293 21.99 25.57 35.98
CA GLN C 293 21.51 24.39 36.67
C GLN C 293 20.02 24.15 36.40
N GLU C 294 19.20 25.20 36.45
CA GLU C 294 17.77 24.99 36.26
C GLU C 294 17.42 24.61 34.83
N ILE C 295 18.29 24.93 33.88
CA ILE C 295 18.05 24.55 32.49
C ILE C 295 18.48 23.12 32.24
N THR C 296 19.54 22.67 32.90
CA THR C 296 19.86 21.25 32.85
C THR C 296 18.84 20.43 33.62
N ASN C 297 18.19 21.03 34.62
CA ASN C 297 17.06 20.37 35.26
C ASN C 297 15.90 20.21 34.30
N GLN C 298 15.69 21.20 33.42
CA GLN C 298 14.68 21.08 32.38
C GLN C 298 14.99 19.94 31.42
N CYS C 299 16.28 19.66 31.22
CA CYS C 299 16.68 18.64 30.25
C CYS C 299 16.27 17.25 30.73
N PHE C 300 16.38 16.99 32.01
CA PHE C 300 15.98 15.70 32.53
C PHE C 300 14.53 15.69 32.98
N GLU C 301 13.81 16.77 32.75
CA GLU C 301 12.38 16.61 32.82
C GLU C 301 11.87 15.97 31.54
N PRO C 302 10.93 15.03 31.64
CA PRO C 302 10.38 14.40 30.42
C PRO C 302 9.46 15.30 29.62
N TYR C 303 9.17 16.51 30.09
CA TYR C 303 8.29 17.39 29.34
C TYR C 303 8.99 18.08 28.18
N ASN C 304 10.33 18.07 28.14
CA ASN C 304 11.07 18.59 27.02
C ASN C 304 11.57 17.49 26.10
N GLN C 305 11.04 16.29 26.26
CA GLN C 305 11.49 15.14 25.49
C GLN C 305 10.89 15.16 24.09
N MET C 306 11.60 14.60 23.13
CA MET C 306 11.15 14.60 21.75
C MET C 306 10.45 13.32 21.32
N VAL C 307 10.58 12.23 22.07
CA VAL C 307 9.88 10.99 21.76
C VAL C 307 9.09 10.60 23.00
N LYS C 308 7.83 10.20 22.81
CA LYS C 308 6.98 9.92 23.96
C LYS C 308 7.46 8.66 24.66
N CYS C 309 8.34 8.84 25.63
CA CYS C 309 8.91 7.76 26.41
C CYS C 309 8.91 8.17 27.87
N ASP C 310 9.32 7.24 28.73
CA ASP C 310 9.35 7.47 30.17
C ASP C 310 10.81 7.33 30.61
N PRO C 311 11.60 8.40 30.53
CA PRO C 311 13.03 8.28 30.84
C PRO C 311 13.31 8.04 32.30
N ARG C 312 12.42 8.45 33.21
CA ARG C 312 12.66 8.19 34.62
C ARG C 312 12.47 6.74 34.98
N THR C 313 11.76 5.97 34.15
CA THR C 313 11.67 4.53 34.37
C THR C 313 12.96 3.84 33.97
N GLY C 314 13.44 4.11 32.77
CA GLY C 314 14.65 3.48 32.28
C GLY C 314 15.89 4.15 32.81
N ARG C 315 17.03 3.59 32.42
CA ARG C 315 18.33 4.14 32.76
C ARG C 315 18.98 4.75 31.53
N TYR C 316 20.06 5.48 31.77
CA TYR C 316 20.81 6.15 30.72
C TYR C 316 22.11 5.41 30.49
N MET C 317 22.33 4.97 29.25
CA MET C 317 23.62 4.39 28.91
C MET C 317 24.69 5.46 28.78
N ALA C 318 24.43 6.48 27.97
CA ALA C 318 25.40 7.55 27.78
C ALA C 318 24.67 8.83 27.38
N THR C 319 25.15 9.95 27.87
CA THR C 319 24.52 11.24 27.66
C THR C 319 25.47 12.19 26.94
N CYS C 320 24.89 13.25 26.39
CA CYS C 320 25.66 14.30 25.74
C CYS C 320 24.93 15.61 25.90
N LEU C 321 25.63 16.64 26.35
CA LEU C 321 25.03 17.95 26.56
C LEU C 321 25.78 18.99 25.75
N LEU C 322 25.10 19.58 24.79
CA LEU C 322 25.66 20.60 23.92
C LEU C 322 25.11 21.94 24.39
N TYR C 323 25.92 22.70 25.12
CA TYR C 323 25.45 24.00 25.54
C TYR C 323 25.69 25.00 24.44
N ARG C 324 24.87 26.03 24.43
CA ARG C 324 25.08 27.16 23.56
C ARG C 324 25.03 28.43 24.40
N GLY C 325 25.51 29.52 23.83
CA GLY C 325 25.36 30.80 24.48
C GLY C 325 26.37 31.03 25.58
N ASP C 326 26.08 32.04 26.39
CA ASP C 326 27.00 32.52 27.42
C ASP C 326 27.01 31.51 28.56
N VAL C 327 28.07 30.71 28.64
CA VAL C 327 28.15 29.60 29.57
C VAL C 327 29.51 29.62 30.24
N ILE C 328 29.50 29.62 31.57
CA ILE C 328 30.72 29.34 32.32
C ILE C 328 30.85 27.83 32.50
N PRO C 329 32.05 27.27 32.43
CA PRO C 329 32.20 25.81 32.43
C PRO C 329 32.31 25.18 33.80
N ARG C 330 32.11 25.90 34.90
CA ARG C 330 32.11 25.24 36.19
C ARG C 330 30.72 25.06 36.77
N ASP C 331 29.72 25.76 36.27
CA ASP C 331 28.37 25.31 36.55
C ASP C 331 27.98 24.14 35.68
N VAL C 332 28.80 23.78 34.70
CA VAL C 332 28.80 22.41 34.20
C VAL C 332 29.01 21.46 35.35
N GLN C 333 30.16 21.55 36.00
CA GLN C 333 30.60 20.47 36.85
C GLN C 333 29.89 20.48 38.20
N ALA C 334 29.59 21.66 38.74
CA ALA C 334 28.93 21.72 40.03
C ALA C 334 27.48 21.31 39.96
N ALA C 335 26.83 21.48 38.80
CA ALA C 335 25.44 21.09 38.65
C ALA C 335 25.25 19.73 38.04
N VAL C 336 26.27 19.19 37.37
CA VAL C 336 26.09 17.85 36.81
C VAL C 336 26.12 16.82 37.93
N THR C 337 26.91 17.05 38.98
CA THR C 337 26.87 16.18 40.15
C THR C 337 25.60 16.38 40.95
N SER C 338 24.97 17.54 40.82
CA SER C 338 23.66 17.74 41.41
C SER C 338 22.60 16.93 40.70
N ILE C 339 22.86 16.53 39.46
CA ILE C 339 21.96 15.63 38.77
C ILE C 339 22.43 14.19 38.92
N LYS C 340 23.72 13.97 38.75
CA LYS C 340 24.26 12.61 38.74
C LYS C 340 24.27 12.02 40.14
N SER C 341 24.97 12.68 41.06
CA SER C 341 25.20 12.11 42.38
C SER C 341 24.02 12.27 43.32
N ARG C 342 23.08 13.16 43.01
CA ARG C 342 22.01 13.40 43.97
C ARG C 342 20.75 12.63 43.63
N ARG C 343 20.35 12.66 42.36
CA ARG C 343 18.97 12.32 42.01
C ARG C 343 18.73 10.82 42.06
N THR C 344 17.50 10.45 41.72
CA THR C 344 17.01 9.09 41.85
C THR C 344 17.35 8.24 40.64
N ILE C 345 17.35 8.83 39.45
CA ILE C 345 17.54 8.11 38.20
C ILE C 345 19.01 7.68 38.04
N GLN C 346 19.28 6.42 38.38
CA GLN C 346 20.64 5.92 38.32
C GLN C 346 21.07 5.71 36.88
N PHE C 347 22.38 5.71 36.68
CA PHE C 347 22.91 5.43 35.36
C PHE C 347 23.16 3.94 35.23
N VAL C 348 23.73 3.54 34.09
CA VAL C 348 24.16 2.18 33.92
C VAL C 348 25.37 1.92 34.80
N ASP C 349 25.35 0.77 35.48
CA ASP C 349 26.43 0.41 36.40
C ASP C 349 27.75 0.21 35.67
N TRP C 350 27.71 -0.15 34.40
CA TRP C 350 28.93 -0.43 33.66
C TRP C 350 29.49 0.80 32.96
N CYS C 351 28.66 1.74 32.57
CA CYS C 351 29.17 3.02 32.12
C CYS C 351 29.60 3.83 33.32
N PRO C 352 30.84 4.23 33.41
CA PRO C 352 31.35 4.76 34.68
C PRO C 352 31.11 6.25 34.86
N THR C 353 30.96 6.98 33.77
CA THR C 353 30.78 8.42 33.84
C THR C 353 29.42 8.88 33.31
N GLY C 354 29.05 8.48 32.10
CA GLY C 354 27.77 8.80 31.55
C GLY C 354 27.69 10.14 30.86
N PHE C 355 28.51 11.11 31.26
CA PHE C 355 28.43 12.45 30.72
C PHE C 355 29.59 12.74 29.80
N LYS C 356 29.26 13.34 28.67
CA LYS C 356 30.21 14.08 27.86
C LYS C 356 29.55 15.42 27.59
N ILE C 357 30.33 16.49 27.61
CA ILE C 357 29.73 17.81 27.57
C ILE C 357 30.74 18.80 27.03
N GLY C 358 30.25 19.69 26.15
CA GLY C 358 31.06 20.76 25.63
C GLY C 358 30.29 22.05 25.64
N ILE C 359 31.02 23.15 25.52
CA ILE C 359 30.46 24.49 25.64
C ILE C 359 30.75 25.23 24.34
N CYS C 360 29.71 25.65 23.65
CA CYS C 360 29.85 26.49 22.47
C CYS C 360 29.45 27.91 22.84
N TYR C 361 30.32 28.85 22.52
CA TYR C 361 30.28 30.15 23.15
C TYR C 361 29.14 31.01 22.63
N GLU C 362 28.85 30.92 21.41
CA GLU C 362 28.01 31.94 20.80
C GLU C 362 26.53 31.57 20.94
N PRO C 363 25.64 32.55 21.00
CA PRO C 363 24.23 32.27 21.34
C PRO C 363 23.50 31.60 20.19
N PRO C 364 22.43 30.89 20.48
CA PRO C 364 21.54 30.41 19.42
C PRO C 364 20.76 31.57 18.84
N GLN C 365 20.33 31.38 17.60
CA GLN C 365 19.58 32.39 16.87
C GLN C 365 18.11 32.02 16.86
N HIS C 366 17.25 33.00 17.13
CA HIS C 366 15.83 32.78 17.08
C HIS C 366 15.25 33.36 15.80
N VAL C 367 14.19 32.74 15.31
CA VAL C 367 13.43 33.26 14.19
C VAL C 367 12.54 34.38 14.70
N PRO C 368 12.16 35.36 13.89
CA PRO C 368 11.26 36.42 14.36
C PRO C 368 9.78 36.11 14.25
N GLY C 369 9.39 34.86 14.04
CA GLY C 369 7.99 34.56 13.84
C GLY C 369 7.49 33.30 14.55
N SER C 370 8.09 32.97 15.69
CA SER C 370 7.65 31.82 16.47
C SER C 370 7.39 32.22 17.90
N GLY C 371 6.74 31.32 18.63
CA GLY C 371 6.49 31.53 20.03
C GLY C 371 7.72 31.42 20.89
N ILE C 372 8.77 30.78 20.38
CA ILE C 372 10.03 30.71 21.11
C ILE C 372 10.66 32.10 21.15
N ALA C 373 11.37 32.39 22.24
CA ALA C 373 11.94 33.71 22.46
C ALA C 373 13.45 33.62 22.54
N LYS C 374 14.07 34.81 22.46
CA LYS C 374 15.51 34.94 22.59
C LYS C 374 15.96 34.54 23.99
N VAL C 375 17.06 33.81 24.07
CA VAL C 375 17.60 33.37 25.36
C VAL C 375 19.11 33.24 25.23
N ASN C 376 19.82 33.65 26.29
CA ASN C 376 21.27 33.77 26.23
C ASN C 376 22.00 32.44 26.38
N ARG C 377 21.28 31.33 26.52
CA ARG C 377 21.91 30.03 26.64
C ARG C 377 20.89 28.97 26.23
N ALA C 378 21.39 27.85 25.74
CA ALA C 378 20.52 26.79 25.24
C ALA C 378 21.28 25.48 25.28
N VAL C 379 20.57 24.41 25.63
CA VAL C 379 21.16 23.08 25.77
C VAL C 379 20.44 22.15 24.81
N CYS C 380 21.20 21.36 24.07
CA CYS C 380 20.64 20.31 23.22
C CYS C 380 21.06 18.98 23.81
N MET C 381 20.22 18.45 24.69
CA MET C 381 20.50 17.18 25.32
C MET C 381 20.36 16.04 24.33
N LEU C 382 21.40 15.23 24.20
CA LEU C 382 21.33 13.95 23.51
C LEU C 382 21.72 12.86 24.49
N SER C 383 20.97 11.76 24.47
CA SER C 383 21.27 10.69 25.39
C SER C 383 20.78 9.37 24.84
N ASN C 384 21.67 8.37 24.84
CA ASN C 384 21.28 7.01 24.50
C ASN C 384 20.75 6.36 25.76
N THR C 385 19.44 6.19 25.84
CA THR C 385 18.80 5.64 27.02
C THR C 385 18.49 4.17 26.87
N THR C 386 17.97 3.59 27.94
CA THR C 386 17.36 2.28 27.89
C THR C 386 15.85 2.35 27.90
N SER C 387 15.29 3.54 28.11
CA SER C 387 13.85 3.72 28.13
C SER C 387 13.27 3.89 26.75
N ILE C 388 14.09 3.86 25.70
CA ILE C 388 13.57 3.91 24.33
C ILE C 388 13.10 2.55 23.86
N ALA C 389 13.26 1.51 24.68
CA ALA C 389 12.77 0.19 24.33
C ALA C 389 11.25 0.15 24.28
N GLU C 390 10.58 1.06 24.98
CA GLU C 390 9.13 1.17 24.83
C GLU C 390 8.71 1.97 23.60
N ALA C 391 9.65 2.39 22.76
CA ALA C 391 9.25 2.94 21.47
C ALA C 391 9.04 1.86 20.43
N TRP C 392 9.90 0.84 20.44
CA TRP C 392 9.75 -0.21 19.44
C TRP C 392 8.66 -1.20 19.82
N SER C 393 8.37 -1.32 21.12
CA SER C 393 7.28 -2.20 21.53
C SER C 393 5.93 -1.63 21.13
N ARG C 394 5.84 -0.32 20.96
CA ARG C 394 4.61 0.27 20.45
C ARG C 394 4.40 -0.09 18.99
N LEU C 395 5.45 -0.13 18.19
CA LEU C 395 5.24 -0.48 16.80
C LEU C 395 5.10 -1.98 16.60
N ASP C 396 5.89 -2.78 17.32
CA ASP C 396 5.90 -4.21 17.07
C ASP C 396 4.61 -4.86 17.56
N HIS C 397 3.97 -4.26 18.57
CA HIS C 397 2.63 -4.71 18.92
C HIS C 397 1.64 -4.33 17.84
N LYS C 398 1.81 -3.16 17.21
CA LYS C 398 0.94 -2.78 16.10
C LYS C 398 1.23 -3.64 14.89
N PHE C 399 2.51 -3.80 14.54
CA PHE C 399 2.91 -4.58 13.40
C PHE C 399 2.53 -6.05 13.55
N ASP C 400 2.37 -6.53 14.77
CA ASP C 400 1.80 -7.84 15.04
C ASP C 400 0.38 -7.91 14.46
N LEU C 401 -0.51 -7.09 15.00
CA LEU C 401 -1.92 -7.22 14.67
C LEU C 401 -2.25 -6.72 13.28
N MET C 402 -1.40 -5.87 12.69
CA MET C 402 -1.60 -5.53 11.28
C MET C 402 -1.24 -6.69 10.38
N TYR C 403 -0.44 -7.63 10.85
CA TYR C 403 0.06 -8.72 10.03
C TYR C 403 -0.70 -10.01 10.23
N SER C 404 -1.31 -10.21 11.39
CA SER C 404 -1.88 -11.51 11.76
C SER C 404 -3.08 -11.91 10.92
N LYS C 405 -3.73 -10.96 10.26
CA LYS C 405 -4.71 -11.27 9.24
C LYS C 405 -4.22 -10.96 7.85
N ARG C 406 -2.95 -10.56 7.70
CA ARG C 406 -2.32 -10.19 6.44
C ARG C 406 -3.07 -9.09 5.70
N ALA C 407 -3.64 -8.15 6.45
CA ALA C 407 -4.32 -7.03 5.82
C ALA C 407 -3.30 -6.00 5.36
N PHE C 408 -3.66 -5.29 4.29
CA PHE C 408 -2.83 -4.26 3.64
C PHE C 408 -1.48 -4.82 3.21
N VAL C 409 -1.48 -6.07 2.79
CA VAL C 409 -0.25 -6.69 2.31
C VAL C 409 -0.26 -6.77 0.79
N HIS C 410 -1.44 -6.78 0.18
CA HIS C 410 -1.52 -6.93 -1.27
C HIS C 410 -1.04 -5.70 -2.02
N TRP C 411 -0.98 -4.54 -1.37
CA TRP C 411 -0.33 -3.42 -2.01
C TRP C 411 1.19 -3.48 -1.92
N TYR C 412 1.74 -4.47 -1.25
CA TYR C 412 3.20 -4.64 -1.22
C TYR C 412 3.65 -5.81 -2.06
N VAL C 413 3.06 -6.98 -1.83
CA VAL C 413 3.46 -8.16 -2.59
C VAL C 413 2.96 -8.06 -4.02
N GLY C 414 1.87 -7.33 -4.22
CA GLY C 414 1.42 -6.99 -5.56
C GLY C 414 2.33 -6.05 -6.32
N GLU C 415 3.32 -5.48 -5.65
CA GLU C 415 4.33 -4.66 -6.31
C GLU C 415 5.65 -5.39 -6.46
N GLY C 416 5.94 -6.33 -5.58
CA GLY C 416 7.11 -7.15 -5.82
C GLY C 416 7.89 -7.60 -4.61
N MET C 417 7.62 -7.01 -3.45
CA MET C 417 8.27 -7.46 -2.22
C MET C 417 7.71 -8.80 -1.78
N GLU C 418 8.59 -9.78 -1.61
CA GLU C 418 8.19 -11.02 -0.99
C GLU C 418 7.87 -10.80 0.47
N GLU C 419 7.07 -11.70 1.04
CA GLU C 419 6.70 -11.52 2.43
C GLU C 419 7.78 -11.94 3.40
N GLY C 420 8.93 -12.42 2.89
CA GLY C 420 9.99 -12.88 3.76
C GLY C 420 10.63 -11.78 4.57
N GLU C 421 10.54 -10.53 4.13
CA GLU C 421 11.03 -9.44 4.95
C GLU C 421 10.16 -9.25 6.18
N PHE C 422 8.86 -9.55 6.07
CA PHE C 422 7.95 -9.37 7.20
C PHE C 422 8.28 -10.34 8.32
N SER C 423 8.78 -11.52 7.99
CA SER C 423 9.37 -12.39 8.99
C SER C 423 10.58 -11.74 9.63
N GLU C 424 11.54 -11.33 8.80
CA GLU C 424 12.80 -10.81 9.33
C GLU C 424 12.66 -9.43 9.96
N ALA C 425 11.61 -8.68 9.61
CA ALA C 425 11.39 -7.38 10.26
C ALA C 425 11.15 -7.57 11.75
N ARG C 426 10.11 -8.33 12.09
CA ARG C 426 9.77 -8.61 13.47
C ARG C 426 10.82 -9.47 14.15
N GLU C 427 11.56 -10.29 13.38
CA GLU C 427 12.65 -11.04 13.99
C GLU C 427 13.83 -10.14 14.32
N ASP C 428 14.19 -9.21 13.42
CA ASP C 428 15.35 -8.39 13.71
C ASP C 428 15.03 -7.31 14.72
N LEU C 429 13.84 -6.70 14.61
CA LEU C 429 13.49 -5.58 15.48
C LEU C 429 13.35 -6.02 16.92
N ALA C 430 12.72 -7.18 17.15
CA ALA C 430 12.64 -7.72 18.50
C ALA C 430 14.02 -8.07 19.03
N ALA C 431 14.86 -8.67 18.18
CA ALA C 431 16.24 -8.93 18.55
C ALA C 431 17.02 -7.64 18.73
N LEU C 432 16.64 -6.58 18.04
CA LEU C 432 17.24 -5.29 18.32
C LEU C 432 16.78 -4.76 19.66
N GLU C 433 15.56 -5.11 20.07
CA GLU C 433 15.13 -4.78 21.42
C GLU C 433 15.76 -5.74 22.44
N ARG C 434 16.29 -6.87 21.99
CA ARG C 434 16.96 -7.78 22.91
C ARG C 434 18.33 -7.28 23.35
N ASP C 435 18.82 -6.18 22.78
CA ASP C 435 20.04 -5.58 23.30
C ASP C 435 19.76 -4.49 24.31
N TYR C 436 18.65 -3.77 24.16
CA TYR C 436 18.29 -2.77 25.16
C TYR C 436 17.84 -3.40 26.47
N GLU C 437 17.26 -4.59 26.41
CA GLU C 437 16.94 -5.29 27.64
C GLU C 437 18.14 -6.00 28.23
N GLU C 438 19.22 -6.16 27.45
CA GLU C 438 20.40 -6.89 27.92
C GLU C 438 21.49 -5.95 28.41
N VAL C 439 21.80 -4.92 27.62
CA VAL C 439 22.78 -3.93 28.05
C VAL C 439 22.24 -3.12 29.22
N GLY C 440 20.98 -2.72 29.15
CA GLY C 440 20.33 -2.11 30.28
C GLY C 440 19.79 -3.14 31.24
N GLN C 441 20.68 -3.93 31.83
CA GLN C 441 20.28 -4.99 32.77
C GLN C 441 21.38 -5.11 33.82
N ASP C 442 21.20 -4.41 34.93
CA ASP C 442 22.13 -4.41 36.06
C ASP C 442 22.26 -5.77 36.73
MG MG D . 8.55 -24.05 -10.95
PG ANP E . 9.54 -21.42 -11.75
O1G ANP E . 8.33 -21.89 -11.11
O2G ANP E . 9.44 -19.87 -12.02
O3G ANP E . 9.71 -22.18 -13.11
PB ANP E . 11.59 -23.08 -10.48
O1B ANP E . 11.98 -23.17 -9.08
O2B ANP E . 10.60 -24.26 -10.74
N3B ANP E . 10.86 -21.69 -10.85
PA ANP E . 13.68 -24.57 -11.66
O1A ANP E . 12.77 -25.72 -11.82
O2A ANP E . 14.50 -24.72 -10.39
O3A ANP E . 12.80 -23.26 -11.46
O5' ANP E . 14.73 -24.52 -12.86
C5' ANP E . 14.99 -25.75 -13.56
C4' ANP E . 16.45 -26.11 -13.52
O4' ANP E . 16.84 -26.39 -12.15
C3' ANP E . 16.83 -27.35 -14.32
O3' ANP E . 18.14 -27.21 -14.87
C2' ANP E . 16.77 -28.45 -13.27
O2' ANP E . 17.58 -29.57 -13.61
C1' ANP E . 17.34 -27.71 -12.07
N9 ANP E . 16.92 -28.28 -10.79
C8 ANP E . 16.08 -27.70 -9.87
N7 ANP E . 15.83 -28.45 -8.83
C5 ANP E . 16.57 -29.59 -9.06
C6 ANP E . 16.74 -30.78 -8.33
N6 ANP E . 16.13 -31.03 -7.16
N1 ANP E . 17.55 -31.73 -8.85
C2 ANP E . 18.16 -31.50 -10.01
N3 ANP E . 18.08 -30.42 -10.80
C4 ANP E . 17.25 -29.50 -10.27
PB GDP F . -30.47 5.31 -18.37
O1B GDP F . -29.08 4.74 -18.13
O2B GDP F . -31.40 4.18 -18.72
O3B GDP F . -30.49 6.40 -19.37
O3A GDP F . -30.93 5.87 -16.95
PA GDP F . -30.05 6.12 -15.65
O1A GDP F . -28.86 5.27 -15.73
O2A GDP F . -29.64 7.57 -15.66
O5' GDP F . -30.99 5.86 -14.38
C5' GDP F . -30.55 5.73 -13.01
C4' GDP F . -31.64 6.19 -12.07
O4' GDP F . -31.07 7.00 -11.01
C3' GDP F . -32.68 7.08 -12.73
O3' GDP F . -33.91 6.95 -12.03
C2' GDP F . -32.10 8.46 -12.51
O2' GDP F . -33.08 9.49 -12.53
C1' GDP F . -31.57 8.32 -11.09
N9 GDP F . -30.52 9.27 -10.66
C8 GDP F . -29.47 8.91 -9.84
N7 GDP F . -28.69 9.91 -9.52
C5 GDP F . -29.25 11.00 -10.18
C6 GDP F . -28.83 12.35 -10.23
O6 GDP F . -27.87 12.88 -9.67
N1 GDP F . -29.65 13.11 -11.04
C2 GDP F . -30.74 12.65 -11.71
N2 GDP F . -31.34 13.49 -12.54
N3 GDP F . -31.16 11.40 -11.64
C4 GDP F . -30.38 10.62 -10.87
O16 EPB G . -24.59 26.35 0.02
C51 EPB G . -21.46 22.92 1.74
O41 EPB G . -20.75 25.23 1.38
C5 EPB G . -21.84 24.33 1.28
C4 EPB G . -21.83 25.47 2.29
C16 EPB G . -25.36 26.91 0.78
O1 EPB G . -24.82 27.65 1.90
C2 EPB G . -23.83 26.93 2.64
C3 EPB G . -22.59 26.69 1.81
C20 EPB G . -23.45 27.76 3.84
C21 EPB G . -24.18 29.04 4.13
C22 EPB G . -22.45 27.34 4.63
C23 EPB G . -22.06 28.13 5.82
N26 EPB G . -22.01 29.49 5.73
C25 EPB G . -21.65 29.99 6.93
C27 EPB G . -21.43 31.39 7.42
C24 EPB G . -21.79 27.49 7.02
S1 EPB G . -21.41 28.78 8.13
C15 EPB G . -26.85 26.82 0.55
C14 EPB G . -27.08 27.15 -0.91
O14 EPB G . -27.04 28.57 -1.02
C13 EPB G . -28.41 26.63 -1.46
C29 EPB G . -29.52 26.85 -0.44
C30 EPB G . -28.76 27.39 -2.74
C12 EPB G . -28.28 25.16 -1.76
O12 EPB G . -28.59 24.69 -2.84
C11 EPB G . -27.75 24.20 -0.73
C28 EPB G . -28.43 24.44 0.61
C10 EPB G . -26.24 24.34 -0.73
O10 EPB G . -25.72 24.23 0.61
C9 EPB G . -25.63 23.27 -1.61
C91 EPB G . -26.23 23.39 -3.00
C8 EPB G . -24.11 23.35 -1.68
C7 EPB G . -23.42 23.20 -0.33
C6 EPB G . -22.65 24.48 0.00
PG GTP H . 4.33 11.53 -0.44
O1G GTP H . 3.21 12.30 0.12
O2G GTP H . 3.94 10.62 -1.59
O3G GTP H . 5.48 12.40 -0.89
O3B GTP H . 4.96 10.57 0.66
PB GTP H . 6.47 10.52 1.14
O1B GTP H . 7.14 9.24 0.73
O2B GTP H . 7.16 11.75 0.60
O3A GTP H . 6.41 10.67 2.71
PA GTP H . 6.16 12.01 3.52
O1A GTP H . 7.36 12.85 3.43
O2A GTP H . 4.99 12.68 2.85
O5' GTP H . 5.78 11.60 5.00
C5' GTP H . 4.50 11.83 5.62
C4' GTP H . 4.72 11.94 7.10
O4' GTP H . 5.52 13.10 7.37
C3' GTP H . 3.46 12.14 7.92
O3' GTP H . 2.93 10.87 8.27
C2' GTP H . 3.97 12.85 9.17
O2' GTP H . 4.29 11.91 10.20
C1' GTP H . 5.24 13.56 8.68
N9 GTP H . 5.12 15.01 8.62
C8 GTP H . 4.27 15.77 7.87
N7 GTP H . 4.47 17.05 7.99
C5 GTP H . 5.52 17.15 8.88
C6 GTP H . 6.17 18.27 9.39
O6 GTP H . 5.96 19.44 9.12
N1 GTP H . 7.18 17.93 10.27
C2 GTP H . 7.50 16.66 10.63
N2 GTP H . 8.48 16.50 11.51
N3 GTP H . 6.88 15.59 10.15
C4 GTP H . 5.91 15.91 9.28
#